data_6H2A
#
_entry.id   6H2A
#
_cell.length_a   108.864
_cell.length_b   108.864
_cell.length_c   260.577
_cell.angle_alpha   90.00
_cell.angle_beta   90.00
_cell.angle_gamma   90.00
#
_symmetry.space_group_name_H-M   'P 43 21 2'
#
loop_
_entity.id
_entity.type
_entity.pdbx_description
1 polymer Beta-lactamase
2 polymer 'Possible protein degradation product'
3 non-polymer TRIS(HYDROXYETHYL)AMINOMETHANE
4 non-polymer 2,3-DIHYDROXY-1,4-DITHIOBUTANE
5 non-polymer 'PHOSPHATE ION'
6 non-polymer GLYCEROL
7 water water
#
loop_
_entity_poly.entity_id
_entity_poly.type
_entity_poly.pdbx_seq_one_letter_code
_entity_poly.pdbx_strand_id
1 'polypeptide(L)'
;MDLADRFAELERRYDARLGVYVPATGTTAAIEYRADERFAFCATFKAPLVAAVLHQNPLTHLDKLITYTSDDIRSISPVA
QQHVQTGMTIGQLCDAAIRYSDGTAANLLLADLGGPGGGTAAFTGYLRSLGDTVSRLDAEEPELNRDPPGDERDTTTPHA
IALVLQQLVLGNALPPDKRALLTDWMARNTTGAKRIRAGFPADWKVIDKTGTGDYGRANDIAVVWSPTGVPYVVAVMSDR
AGGGYDAEPREALLAEAATCVAGVLALEHHHHHH
;
A,B,C
2 'polypeptide(L)' GGGGGG H
#
# COMPACT_ATOMS: atom_id res chain seq x y z
N ASP A 2 15.85 11.30 -2.40
CA ASP A 2 15.56 9.82 -2.26
C ASP A 2 14.42 9.30 -3.18
N LEU A 3 14.32 7.96 -3.25
CA LEU A 3 13.34 7.31 -4.12
C LEU A 3 11.88 7.71 -3.83
N ALA A 4 11.48 7.67 -2.55
CA ALA A 4 10.09 7.96 -2.21
C ALA A 4 9.66 9.37 -2.70
N ASP A 5 10.56 10.34 -2.60
CA ASP A 5 10.27 11.70 -3.03
C ASP A 5 10.21 11.78 -4.55
N ARG A 6 11.13 11.12 -5.25
CA ARG A 6 11.06 11.04 -6.72
C ARG A 6 9.72 10.41 -7.19
N PHE A 7 9.29 9.31 -6.57
CA PHE A 7 8.02 8.67 -6.90
C PHE A 7 6.83 9.57 -6.62
N ALA A 8 6.84 10.28 -5.52
CA ALA A 8 5.80 11.24 -5.20
C ALA A 8 5.75 12.36 -6.25
N GLU A 9 6.92 12.80 -6.72
CA GLU A 9 6.95 13.82 -7.74
C GLU A 9 6.31 13.30 -9.05
N LEU A 10 6.57 12.04 -9.39
CA LEU A 10 5.92 11.45 -10.56
C LEU A 10 4.39 11.38 -10.40
N GLU A 11 3.91 11.01 -9.21
CA GLU A 11 2.49 11.03 -8.90
C GLU A 11 1.88 12.39 -9.16
N ARG A 12 2.55 13.42 -8.66
CA ARG A 12 2.09 14.81 -8.86
C ARG A 12 2.06 15.16 -10.36
N ARG A 13 3.18 14.93 -11.02
CA ARG A 13 3.36 15.26 -12.43
C ARG A 13 2.33 14.59 -13.33
N TYR A 14 2.02 13.32 -13.10
CA TYR A 14 1.07 12.60 -13.96
C TYR A 14 -0.33 12.51 -13.40
N ASP A 15 -0.61 13.24 -12.31
CA ASP A 15 -1.93 13.19 -11.69
C ASP A 15 -2.39 11.72 -11.51
N ALA A 16 -1.52 10.92 -10.89
CA ALA A 16 -1.71 9.49 -10.76
C ALA A 16 -1.32 8.98 -9.36
N ARG A 17 -1.80 7.79 -9.05
CA ARG A 17 -1.35 7.04 -7.88
C ARG A 17 -0.43 5.94 -8.42
N LEU A 18 0.79 5.86 -7.87
CA LEU A 18 1.81 4.96 -8.34
C LEU A 18 2.12 3.91 -7.28
N GLY A 19 2.26 2.64 -7.70
CA GLY A 19 2.68 1.55 -6.84
C GLY A 19 3.88 0.85 -7.41
N VAL A 20 4.90 0.61 -6.59
CA VAL A 20 6.16 -0.01 -7.02
C VAL A 20 6.66 -1.03 -6.00
N TYR A 21 7.07 -2.20 -6.50
CA TYR A 21 7.81 -3.17 -5.67
C TYR A 21 8.89 -3.88 -6.44
N VAL A 22 10.10 -3.90 -5.88
CA VAL A 22 11.23 -4.73 -6.38
C VAL A 22 11.74 -5.54 -5.19
N PRO A 23 11.63 -6.88 -5.22
CA PRO A 23 12.14 -7.69 -4.11
C PRO A 23 13.60 -7.49 -3.85
N ALA A 24 14.00 -7.65 -2.61
CA ALA A 24 15.44 -7.71 -2.25
C ALA A 24 16.15 -8.83 -2.99
N THR A 25 17.45 -8.64 -3.19
CA THR A 25 18.34 -9.66 -3.74
C THR A 25 19.57 -9.67 -2.84
N GLY A 26 20.53 -10.55 -3.14
CA GLY A 26 21.80 -10.58 -2.44
C GLY A 26 22.52 -9.25 -2.30
N THR A 27 22.63 -8.50 -3.39
CA THR A 27 23.34 -7.20 -3.40
C THR A 27 22.45 -5.95 -3.25
N THR A 28 21.12 -6.08 -3.37
CA THR A 28 20.22 -4.90 -3.41
C THR A 28 19.14 -4.95 -2.37
N ALA A 29 18.87 -3.79 -1.78
CA ALA A 29 17.66 -3.62 -0.95
C ALA A 29 16.37 -3.70 -1.77
N ALA A 30 15.31 -4.08 -1.09
CA ALA A 30 13.97 -3.98 -1.65
C ALA A 30 13.62 -2.53 -1.92
N ILE A 31 12.79 -2.29 -2.92
CA ILE A 31 12.22 -0.97 -3.20
C ILE A 31 10.72 -1.16 -3.03
N GLU A 32 10.09 -0.21 -2.33
CA GLU A 32 8.64 -0.30 -2.07
C GLU A 32 7.99 1.06 -1.94
N TYR A 33 6.96 1.30 -2.74
CA TYR A 33 6.22 2.56 -2.72
C TYR A 33 4.75 2.20 -2.95
N ARG A 34 3.90 2.46 -1.95
CA ARG A 34 2.50 1.98 -1.97
C ARG A 34 2.38 0.49 -2.32
N ALA A 35 3.32 -0.27 -1.85
CA ALA A 35 3.49 -1.64 -2.30
C ALA A 35 2.42 -2.56 -1.78
N ASP A 36 1.79 -2.21 -0.66
CA ASP A 36 0.67 -2.99 -0.12
C ASP A 36 -0.72 -2.42 -0.40
N GLU A 37 -0.80 -1.31 -1.14
CA GLU A 37 -2.07 -0.76 -1.63
C GLU A 37 -2.59 -1.57 -2.82
N ARG A 38 -3.90 -1.73 -2.90
CA ARG A 38 -4.55 -2.48 -4.00
C ARG A 38 -4.63 -1.66 -5.27
N PHE A 39 -4.23 -2.29 -6.38
CA PHE A 39 -4.42 -1.78 -7.75
C PHE A 39 -5.08 -2.87 -8.57
N ALA A 40 -5.86 -2.49 -9.55
CA ALA A 40 -6.48 -3.45 -10.44
C ALA A 40 -5.39 -4.18 -11.25
N PHE A 41 -5.54 -5.50 -11.33
CA PHE A 41 -4.70 -6.37 -12.15
C PHE A 41 -4.59 -5.86 -13.58
N CYS A 42 -5.75 -5.70 -14.20
CA CYS A 42 -5.90 -5.60 -15.66
C CYS A 42 -5.22 -6.83 -16.21
N ALA A 43 -4.60 -6.78 -17.38
CA ALA A 43 -4.02 -8.00 -17.98
C ALA A 43 -2.77 -8.55 -17.34
N THR A 44 -2.21 -7.91 -16.32
CA THR A 44 -1.07 -8.51 -15.64
C THR A 44 -1.37 -9.90 -15.09
N PHE A 45 -2.64 -10.18 -14.83
CA PHE A 45 -3.05 -11.50 -14.39
C PHE A 45 -2.75 -12.60 -15.38
N LYS A 46 -2.61 -12.25 -16.66
CA LYS A 46 -2.46 -13.26 -17.73
C LYS A 46 -1.18 -14.08 -17.63
N ALA A 47 -0.10 -13.48 -17.12
CA ALA A 47 1.11 -14.25 -16.80
C ALA A 47 0.86 -15.39 -15.79
N PRO A 48 0.43 -15.08 -14.55
CA PRO A 48 0.13 -16.24 -13.69
C PRO A 48 -0.99 -17.13 -14.21
N LEU A 49 -1.90 -16.61 -15.03
CA LEU A 49 -2.94 -17.45 -15.63
C LEU A 49 -2.31 -18.54 -16.50
N VAL A 50 -1.37 -18.14 -17.34
CA VAL A 50 -0.64 -19.09 -18.17
C VAL A 50 0.13 -20.10 -17.30
N ALA A 51 0.76 -19.62 -16.23
CA ALA A 51 1.44 -20.51 -15.30
C ALA A 51 0.47 -21.55 -14.70
N ALA A 52 -0.72 -21.12 -14.33
CA ALA A 52 -1.72 -22.07 -13.79
C ALA A 52 -2.09 -23.16 -14.81
N VAL A 53 -2.32 -22.76 -16.05
CA VAL A 53 -2.68 -23.68 -17.11
C VAL A 53 -1.53 -24.67 -17.36
N LEU A 54 -0.32 -24.16 -17.49
CA LEU A 54 0.88 -24.99 -17.55
C LEU A 54 0.98 -25.98 -16.38
N HIS A 55 0.86 -25.48 -15.15
CA HIS A 55 1.03 -26.28 -13.95
C HIS A 55 0.03 -27.44 -13.84
N GLN A 56 -1.22 -27.20 -14.21
CA GLN A 56 -2.30 -28.14 -13.91
C GLN A 56 -2.44 -29.34 -14.87
N ASN A 57 -1.70 -29.33 -15.96
CA ASN A 57 -1.79 -30.35 -17.00
C ASN A 57 -0.39 -30.78 -17.44
N PRO A 58 -0.28 -31.94 -18.10
CA PRO A 58 1.03 -32.27 -18.72
C PRO A 58 1.32 -31.38 -19.91
N LEU A 59 2.59 -31.27 -20.31
CA LEU A 59 2.99 -30.48 -21.50
C LEU A 59 2.17 -30.74 -22.77
N THR A 60 1.76 -31.97 -22.94
CA THR A 60 1.00 -32.38 -24.13
C THR A 60 -0.35 -31.67 -24.24
N HIS A 61 -0.87 -31.17 -23.11
CA HIS A 61 -2.10 -30.34 -23.06
C HIS A 61 -2.00 -29.09 -23.91
N LEU A 62 -0.77 -28.61 -24.17
CA LEU A 62 -0.56 -27.54 -25.16
C LEU A 62 -1.19 -27.74 -26.54
N ASP A 63 -1.43 -28.99 -26.96
CA ASP A 63 -2.04 -29.24 -28.28
C ASP A 63 -3.51 -29.51 -28.20
N LYS A 64 -4.12 -29.40 -27.03
CA LYS A 64 -5.57 -29.53 -26.93
C LYS A 64 -6.27 -28.40 -27.73
N LEU A 65 -7.21 -28.75 -28.58
CA LEU A 65 -7.95 -27.78 -29.38
C LEU A 65 -9.12 -27.24 -28.59
N ILE A 66 -9.21 -25.90 -28.51
CA ILE A 66 -10.36 -25.20 -27.90
C ILE A 66 -11.16 -24.54 -29.03
N THR A 67 -12.47 -24.72 -29.05
CA THR A 67 -13.31 -24.07 -30.06
C THR A 67 -14.12 -22.99 -29.39
N TYR A 68 -14.56 -22.04 -30.20
CA TYR A 68 -15.24 -20.86 -29.73
C TYR A 68 -15.87 -20.16 -30.93
N THR A 69 -16.85 -19.29 -30.70
CA THR A 69 -17.60 -18.62 -31.80
C THR A 69 -17.19 -17.17 -31.85
N SER A 70 -17.62 -16.42 -32.85
CA SER A 70 -17.30 -14.97 -32.91
C SER A 70 -18.16 -14.15 -31.93
N ASP A 71 -19.29 -14.70 -31.49
CA ASP A 71 -19.98 -14.15 -30.31
C ASP A 71 -19.13 -14.23 -29.05
N ASP A 72 -18.32 -15.28 -28.89
CA ASP A 72 -17.40 -15.35 -27.73
C ASP A 72 -16.35 -14.20 -27.70
N ILE A 73 -16.18 -13.45 -28.78
CA ILE A 73 -15.23 -12.32 -28.83
C ILE A 73 -15.88 -11.01 -28.37
N ARG A 74 -15.68 -10.63 -27.12
CA ARG A 74 -16.29 -9.41 -26.56
C ARG A 74 -15.26 -8.38 -26.08
N SER A 75 -14.02 -8.53 -26.57
CA SER A 75 -12.86 -7.70 -26.18
C SER A 75 -11.84 -7.81 -27.29
N ILE A 76 -10.94 -6.82 -27.37
CA ILE A 76 -9.86 -6.78 -28.36
C ILE A 76 -9.10 -8.11 -28.23
N SER A 77 -9.11 -8.84 -29.35
CA SER A 77 -8.59 -10.20 -29.43
C SER A 77 -7.89 -10.40 -30.78
N PRO A 78 -6.71 -9.81 -30.94
CA PRO A 78 -6.06 -9.75 -32.25
C PRO A 78 -5.77 -11.10 -32.86
N VAL A 79 -5.49 -12.10 -32.02
CA VAL A 79 -5.22 -13.47 -32.47
C VAL A 79 -6.52 -14.30 -32.52
N ALA A 80 -7.33 -14.29 -31.47
CA ALA A 80 -8.51 -15.14 -31.46
C ALA A 80 -9.46 -14.86 -32.62
N GLN A 81 -9.51 -13.62 -33.07
CA GLN A 81 -10.41 -13.26 -34.17
C GLN A 81 -9.87 -13.62 -35.56
N GLN A 82 -8.64 -14.12 -35.63
CA GLN A 82 -8.15 -14.70 -36.85
C GLN A 82 -8.38 -16.22 -36.99
N HIS A 83 -9.02 -16.87 -36.00
CA HIS A 83 -9.05 -18.36 -35.92
C HIS A 83 -10.39 -18.93 -35.44
N VAL A 84 -11.51 -18.23 -35.68
CA VAL A 84 -12.84 -18.73 -35.29
C VAL A 84 -13.23 -20.09 -35.91
N GLN A 85 -12.97 -20.31 -37.21
CA GLN A 85 -13.39 -21.59 -37.85
C GLN A 85 -12.58 -22.78 -37.30
N THR A 86 -11.25 -22.64 -37.25
CA THR A 86 -10.34 -23.69 -36.79
C THR A 86 -10.30 -23.98 -35.28
N GLY A 87 -10.55 -22.97 -34.44
CA GLY A 87 -10.21 -23.07 -33.02
C GLY A 87 -8.74 -22.76 -32.78
N MET A 88 -8.32 -22.83 -31.53
CA MET A 88 -6.92 -22.58 -31.15
C MET A 88 -6.53 -23.60 -30.10
N THR A 89 -5.25 -23.98 -30.11
CA THR A 89 -4.70 -24.88 -29.14
C THR A 89 -4.37 -24.09 -27.87
N ILE A 90 -4.32 -24.79 -26.72
CA ILE A 90 -3.92 -24.16 -25.48
C ILE A 90 -2.61 -23.39 -25.63
N GLY A 91 -1.65 -23.99 -26.33
CA GLY A 91 -0.37 -23.35 -26.54
C GLY A 91 -0.48 -22.01 -27.25
N GLN A 92 -1.31 -21.97 -28.28
CA GLN A 92 -1.54 -20.74 -29.04
C GLN A 92 -2.28 -19.69 -28.23
N LEU A 93 -3.21 -20.14 -27.38
CA LEU A 93 -3.93 -19.24 -26.49
C LEU A 93 -3.00 -18.60 -25.46
N CYS A 94 -2.09 -19.40 -24.89
CA CYS A 94 -1.06 -18.84 -24.00
C CYS A 94 -0.20 -17.80 -24.72
N ASP A 95 0.19 -18.10 -25.94
CA ASP A 95 0.99 -17.19 -26.75
C ASP A 95 0.25 -15.88 -26.95
N ALA A 96 -1.02 -15.99 -27.33
CA ALA A 96 -1.84 -14.81 -27.61
C ALA A 96 -2.11 -13.98 -26.34
N ALA A 97 -2.49 -14.68 -25.27
CA ALA A 97 -2.77 -14.05 -24.00
C ALA A 97 -1.60 -13.21 -23.50
N ILE A 98 -0.39 -13.71 -23.66
CA ILE A 98 0.75 -12.98 -23.14
C ILE A 98 1.26 -11.92 -24.07
N ARG A 99 1.37 -12.26 -25.36
CA ARG A 99 2.19 -11.46 -26.28
C ARG A 99 1.41 -10.36 -26.95
N TYR A 100 0.12 -10.60 -27.22
CA TYR A 100 -0.75 -9.57 -27.80
C TYR A 100 -1.85 -9.15 -26.83
N SER A 101 -1.73 -9.59 -25.58
CA SER A 101 -2.76 -9.43 -24.58
C SER A 101 -4.19 -9.66 -25.07
N ASP A 102 -4.40 -10.77 -25.75
CA ASP A 102 -5.68 -11.13 -26.34
C ASP A 102 -6.68 -11.39 -25.21
N GLY A 103 -7.84 -10.73 -25.22
CA GLY A 103 -8.79 -10.90 -24.10
C GLY A 103 -9.61 -12.18 -24.16
N THR A 104 -10.00 -12.55 -25.38
CA THR A 104 -10.69 -13.83 -25.58
C THR A 104 -9.79 -15.02 -25.23
N ALA A 105 -8.52 -14.94 -25.58
CA ALA A 105 -7.57 -16.00 -25.22
C ALA A 105 -7.54 -16.22 -23.71
N ALA A 106 -7.45 -15.14 -22.96
CA ALA A 106 -7.48 -15.18 -21.51
C ALA A 106 -8.77 -15.81 -20.98
N ASN A 107 -9.91 -15.42 -21.52
CA ASN A 107 -11.17 -16.02 -21.07
C ASN A 107 -11.24 -17.49 -21.33
N LEU A 108 -10.73 -17.93 -22.47
CA LEU A 108 -10.70 -19.38 -22.79
C LEU A 108 -9.75 -20.15 -21.87
N LEU A 109 -8.60 -19.56 -21.60
CA LEU A 109 -7.66 -20.13 -20.60
C LEU A 109 -8.26 -20.21 -19.21
N LEU A 110 -9.00 -19.20 -18.79
CA LEU A 110 -9.72 -19.26 -17.52
C LEU A 110 -10.73 -20.41 -17.51
N ALA A 111 -11.50 -20.57 -18.59
CA ALA A 111 -12.44 -21.70 -18.70
C ALA A 111 -11.72 -23.05 -18.65
N ASP A 112 -10.49 -23.10 -19.18
CA ASP A 112 -9.73 -24.33 -19.11
C ASP A 112 -9.36 -24.75 -17.68
N LEU A 113 -9.20 -23.80 -16.78
CA LEU A 113 -9.02 -24.13 -15.37
C LEU A 113 -10.28 -24.75 -14.73
N GLY A 114 -11.46 -24.40 -15.23
CA GLY A 114 -12.71 -24.95 -14.71
C GLY A 114 -13.23 -24.31 -13.43
N GLY A 115 -14.34 -24.87 -12.93
CA GLY A 115 -14.99 -24.39 -11.72
C GLY A 115 -15.81 -23.12 -11.94
N PRO A 116 -16.44 -22.62 -10.87
CA PRO A 116 -17.31 -21.44 -10.97
C PRO A 116 -16.57 -20.13 -11.33
N GLY A 117 -17.36 -19.15 -11.75
CA GLY A 117 -16.87 -17.83 -12.16
C GLY A 117 -16.11 -17.86 -13.48
N GLY A 118 -16.41 -18.86 -14.33
CA GLY A 118 -15.69 -19.10 -15.57
C GLY A 118 -14.19 -19.34 -15.39
N GLY A 119 -13.79 -19.88 -14.22
CA GLY A 119 -12.37 -20.10 -13.87
C GLY A 119 -11.69 -19.08 -12.97
N THR A 120 -12.35 -17.99 -12.64
CA THR A 120 -11.77 -16.97 -11.77
C THR A 120 -11.51 -17.47 -10.36
N ALA A 121 -12.41 -18.30 -9.81
CA ALA A 121 -12.16 -18.91 -8.50
C ALA A 121 -10.98 -19.86 -8.54
N ALA A 122 -10.90 -20.68 -9.58
CA ALA A 122 -9.73 -21.55 -9.73
C ALA A 122 -8.42 -20.75 -9.85
N PHE A 123 -8.46 -19.67 -10.63
CA PHE A 123 -7.29 -18.80 -10.76
C PHE A 123 -6.89 -18.20 -9.40
N THR A 124 -7.86 -17.74 -8.63
CA THR A 124 -7.58 -17.18 -7.32
C THR A 124 -7.00 -18.28 -6.43
N GLY A 125 -7.57 -19.48 -6.51
CA GLY A 125 -7.03 -20.68 -5.86
C GLY A 125 -5.59 -20.96 -6.18
N TYR A 126 -5.22 -20.84 -7.46
CA TYR A 126 -3.85 -21.06 -7.87
C TYR A 126 -2.93 -20.04 -7.19
N LEU A 127 -3.33 -18.78 -7.13
CA LEU A 127 -2.50 -17.77 -6.46
C LEU A 127 -2.36 -18.04 -4.96
N ARG A 128 -3.42 -18.53 -4.32
CA ARG A 128 -3.36 -18.97 -2.91
C ARG A 128 -2.35 -20.09 -2.72
N SER A 129 -2.37 -21.03 -3.66
CA SER A 129 -1.43 -22.16 -3.60
C SER A 129 0.02 -21.69 -3.74
N LEU A 130 0.24 -20.50 -4.30
CA LEU A 130 1.59 -19.88 -4.36
C LEU A 130 1.92 -18.99 -3.19
N GLY A 131 1.04 -18.92 -2.18
CA GLY A 131 1.28 -18.07 -1.02
C GLY A 131 0.86 -16.62 -1.16
N ASP A 132 0.15 -16.27 -2.26
CA ASP A 132 -0.47 -14.95 -2.43
C ASP A 132 -1.85 -14.97 -1.81
N THR A 133 -1.98 -14.25 -0.71
CA THR A 133 -3.22 -14.20 0.07
C THR A 133 -4.03 -12.95 -0.20
N VAL A 134 -3.45 -11.98 -0.91
CA VAL A 134 -4.05 -10.66 -1.12
C VAL A 134 -4.88 -10.67 -2.41
N SER A 135 -4.26 -11.07 -3.51
CA SER A 135 -4.86 -10.94 -4.86
C SER A 135 -6.16 -11.67 -5.03
N ARG A 136 -7.01 -11.17 -5.91
CA ARG A 136 -8.21 -11.89 -6.27
C ARG A 136 -8.69 -11.49 -7.64
N LEU A 137 -9.31 -12.44 -8.32
CA LEU A 137 -9.93 -12.19 -9.59
C LEU A 137 -11.38 -12.67 -9.48
N ASP A 138 -12.28 -11.86 -10.01
CA ASP A 138 -13.73 -12.05 -9.86
C ASP A 138 -14.48 -12.01 -11.19
N ALA A 139 -14.01 -11.23 -12.16
CA ALA A 139 -14.68 -11.09 -13.44
C ALA A 139 -13.77 -11.58 -14.55
N GLU A 140 -14.37 -11.79 -15.71
CA GLU A 140 -13.65 -12.08 -16.95
C GLU A 140 -13.31 -10.78 -17.72
N GLU A 141 -12.65 -10.95 -18.86
CA GLU A 141 -12.40 -9.87 -19.80
C GLU A 141 -13.69 -9.57 -20.56
N PRO A 142 -14.02 -8.31 -20.86
CA PRO A 142 -13.28 -7.11 -20.47
C PRO A 142 -13.71 -6.49 -19.15
N GLU A 143 -14.68 -7.08 -18.45
CA GLU A 143 -15.21 -6.46 -17.21
C GLU A 143 -14.13 -6.20 -16.13
N LEU A 144 -13.14 -7.07 -16.02
CA LEU A 144 -12.14 -6.96 -14.96
C LEU A 144 -11.26 -5.71 -15.05
N ASN A 145 -11.31 -5.03 -16.19
CA ASN A 145 -10.65 -3.72 -16.36
C ASN A 145 -11.50 -2.50 -15.92
N ARG A 146 -12.74 -2.69 -15.46
CA ARG A 146 -13.72 -1.61 -15.32
C ARG A 146 -14.32 -1.42 -13.94
N ASP A 147 -13.78 -2.08 -12.91
CA ASP A 147 -14.39 -1.95 -11.61
C ASP A 147 -14.16 -0.53 -11.11
N PRO A 148 -15.12 -0.02 -10.33
CA PRO A 148 -14.93 1.36 -9.84
C PRO A 148 -13.75 1.42 -8.85
N PRO A 149 -13.10 2.60 -8.71
CA PRO A 149 -12.07 2.79 -7.70
C PRO A 149 -12.59 2.41 -6.31
N GLY A 150 -11.72 1.83 -5.48
CA GLY A 150 -12.09 1.35 -4.14
C GLY A 150 -12.60 -0.08 -4.04
N ASP A 151 -13.19 -0.59 -5.11
CA ASP A 151 -13.65 -1.97 -5.18
C ASP A 151 -12.41 -2.91 -5.19
N GLU A 152 -12.40 -3.91 -4.31
CA GLU A 152 -11.29 -4.84 -4.15
C GLU A 152 -11.34 -6.03 -5.12
N ARG A 153 -12.49 -6.24 -5.76
CA ARG A 153 -12.58 -7.22 -6.84
C ARG A 153 -11.51 -6.95 -7.93
N ASP A 154 -10.94 -8.00 -8.45
CA ASP A 154 -9.97 -7.91 -9.53
C ASP A 154 -8.74 -7.09 -9.19
N THR A 155 -8.33 -7.12 -7.91
CA THR A 155 -7.16 -6.37 -7.50
C THR A 155 -6.02 -7.26 -7.03
N THR A 156 -4.82 -6.69 -7.07
CA THR A 156 -3.63 -7.27 -6.44
C THR A 156 -2.85 -6.11 -5.78
N THR A 157 -1.65 -6.38 -5.28
CA THR A 157 -0.75 -5.30 -4.88
C THR A 157 0.59 -5.49 -5.58
N PRO A 158 1.38 -4.42 -5.67
CA PRO A 158 2.72 -4.55 -6.23
C PRO A 158 3.54 -5.60 -5.53
N HIS A 159 3.47 -5.63 -4.20
CA HIS A 159 4.19 -6.61 -3.38
C HIS A 159 3.77 -8.04 -3.75
N ALA A 160 2.48 -8.30 -3.72
CA ALA A 160 2.01 -9.62 -4.01
C ALA A 160 2.36 -10.11 -5.43
N ILE A 161 2.08 -9.30 -6.43
CA ILE A 161 2.26 -9.72 -7.82
C ILE A 161 3.75 -9.91 -8.14
N ALA A 162 4.62 -9.10 -7.54
CA ALA A 162 6.06 -9.27 -7.70
C ALA A 162 6.56 -10.60 -7.19
N LEU A 163 6.12 -10.97 -6.00
CA LEU A 163 6.50 -12.27 -5.42
C LEU A 163 5.96 -13.45 -6.22
N VAL A 164 4.73 -13.35 -6.74
CA VAL A 164 4.20 -14.37 -7.63
C VAL A 164 5.11 -14.44 -8.90
N LEU A 165 5.41 -13.31 -9.54
CA LEU A 165 6.20 -13.37 -10.77
C LEU A 165 7.61 -13.97 -10.53
N GLN A 166 8.24 -13.58 -9.42
CA GLN A 166 9.53 -14.15 -9.03
C GLN A 166 9.46 -15.66 -8.86
N GLN A 167 8.41 -16.17 -8.22
CA GLN A 167 8.27 -17.62 -8.04
C GLN A 167 8.17 -18.31 -9.41
N LEU A 168 7.46 -17.69 -10.35
CA LEU A 168 7.17 -18.33 -11.63
C LEU A 168 8.35 -18.38 -12.58
N VAL A 169 9.14 -17.32 -12.59
CA VAL A 169 10.26 -17.15 -13.55
C VAL A 169 11.64 -17.44 -12.95
N LEU A 170 11.89 -16.99 -11.73
CA LEU A 170 13.17 -17.22 -11.01
C LEU A 170 13.18 -18.40 -9.99
N GLY A 171 12.05 -18.74 -9.40
CA GLY A 171 11.95 -19.89 -8.51
C GLY A 171 11.45 -21.13 -9.23
N ASN A 172 10.78 -21.99 -8.47
CA ASN A 172 10.54 -23.39 -8.82
C ASN A 172 9.06 -23.70 -8.85
N ALA A 173 8.23 -22.68 -9.08
CA ALA A 173 6.79 -22.86 -9.20
C ALA A 173 6.40 -23.71 -10.39
N LEU A 174 7.16 -23.58 -11.46
CA LEU A 174 7.05 -24.44 -12.61
C LEU A 174 8.36 -25.21 -12.83
N PRO A 175 8.27 -26.46 -13.33
CA PRO A 175 9.48 -27.19 -13.73
C PRO A 175 10.11 -26.59 -14.98
N PRO A 176 11.41 -26.83 -15.23
CA PRO A 176 12.16 -26.01 -16.20
C PRO A 176 11.60 -25.93 -17.62
N ASP A 177 10.89 -26.96 -18.09
CA ASP A 177 10.33 -26.98 -19.45
C ASP A 177 9.09 -26.05 -19.61
N LYS A 178 8.19 -26.09 -18.63
CA LYS A 178 7.08 -25.15 -18.57
C LYS A 178 7.55 -23.73 -18.30
N ARG A 179 8.48 -23.59 -17.36
CA ARG A 179 9.06 -22.29 -17.06
C ARG A 179 9.63 -21.59 -18.28
N ALA A 180 10.29 -22.35 -19.15
CA ALA A 180 10.97 -21.75 -20.33
C ALA A 180 9.95 -21.20 -21.33
N LEU A 181 8.83 -21.91 -21.46
CA LEU A 181 7.72 -21.43 -22.26
C LEU A 181 7.19 -20.10 -21.75
N LEU A 182 6.76 -20.06 -20.50
CA LEU A 182 6.29 -18.80 -19.89
C LEU A 182 7.31 -17.68 -20.09
N THR A 183 8.56 -17.97 -19.79
CA THR A 183 9.61 -16.96 -19.91
C THR A 183 9.80 -16.46 -21.35
N ASP A 184 9.75 -17.37 -22.33
CA ASP A 184 9.89 -17.03 -23.75
C ASP A 184 8.69 -16.15 -24.26
N TRP A 185 7.47 -16.57 -23.96
CA TRP A 185 6.30 -15.75 -24.28
C TRP A 185 6.41 -14.32 -23.74
N MET A 186 6.82 -14.18 -22.49
CA MET A 186 6.96 -12.86 -21.91
C MET A 186 8.14 -12.15 -22.53
N ALA A 187 9.12 -12.89 -23.03
CA ALA A 187 10.35 -12.29 -23.57
C ALA A 187 10.02 -11.63 -24.92
N ARG A 188 9.05 -12.19 -25.64
CA ARG A 188 8.65 -11.71 -26.95
C ARG A 188 7.27 -11.00 -26.90
N ASN A 189 6.98 -10.34 -25.79
CA ASN A 189 5.82 -9.51 -25.64
C ASN A 189 5.86 -8.34 -26.61
N THR A 190 4.73 -8.06 -27.28
CA THR A 190 4.68 -6.95 -28.23
C THR A 190 4.12 -5.66 -27.61
N THR A 191 3.54 -5.72 -26.41
CA THR A 191 2.79 -4.59 -25.88
C THR A 191 3.52 -3.69 -24.90
N GLY A 192 4.75 -3.99 -24.54
CA GLY A 192 5.40 -3.30 -23.41
C GLY A 192 6.51 -2.32 -23.62
N ALA A 193 6.76 -1.95 -24.87
CA ALA A 193 8.00 -1.16 -25.22
C ALA A 193 8.09 0.21 -24.54
N LYS A 194 6.95 0.78 -24.19
CA LYS A 194 6.92 2.13 -23.64
C LYS A 194 6.83 2.20 -22.12
N ARG A 195 6.94 1.04 -21.47
CA ARG A 195 6.81 0.92 -20.02
C ARG A 195 8.12 0.54 -19.33
N ILE A 196 8.21 -0.60 -18.66
CA ILE A 196 9.44 -0.91 -17.89
C ILE A 196 10.65 -0.97 -18.84
N ARG A 197 10.49 -1.66 -19.98
CA ARG A 197 11.44 -1.64 -21.09
C ARG A 197 12.02 -0.25 -21.39
N ALA A 198 11.19 0.77 -21.51
CA ALA A 198 11.68 2.13 -21.85
C ALA A 198 12.55 2.76 -20.77
N GLY A 199 12.51 2.29 -19.55
CA GLY A 199 13.29 2.91 -18.45
C GLY A 199 14.56 2.15 -18.10
N PHE A 200 14.72 0.94 -18.61
CA PHE A 200 15.95 0.19 -18.48
C PHE A 200 16.81 0.37 -19.73
N PRO A 201 18.13 0.62 -19.56
CA PRO A 201 19.06 0.66 -20.72
C PRO A 201 18.96 -0.56 -21.61
N ALA A 202 19.27 -0.42 -22.91
CA ALA A 202 19.02 -1.50 -23.91
C ALA A 202 19.86 -2.78 -23.71
N ASP A 203 21.00 -2.67 -23.03
CA ASP A 203 21.82 -3.86 -22.71
C ASP A 203 21.22 -4.78 -21.61
N TRP A 204 20.23 -4.28 -20.86
CA TRP A 204 19.48 -5.15 -19.92
C TRP A 204 18.38 -5.88 -20.67
N LYS A 205 18.23 -7.17 -20.41
CA LYS A 205 17.13 -7.96 -20.94
C LYS A 205 15.89 -7.60 -20.09
N VAL A 206 14.73 -7.57 -20.74
CA VAL A 206 13.45 -7.32 -20.08
C VAL A 206 12.42 -8.27 -20.67
N ILE A 207 11.76 -9.07 -19.83
CA ILE A 207 10.53 -9.79 -20.17
C ILE A 207 9.39 -9.14 -19.34
N ASP A 208 8.16 -9.08 -19.84
CA ASP A 208 7.10 -8.37 -19.15
C ASP A 208 5.73 -8.77 -19.58
N LYS A 209 4.76 -8.36 -18.76
CA LYS A 209 3.34 -8.39 -19.14
C LYS A 209 2.66 -7.11 -18.67
N THR A 210 1.97 -6.43 -19.60
CA THR A 210 1.33 -5.16 -19.31
C THR A 210 -0.11 -5.33 -18.85
N GLY A 211 -0.64 -4.26 -18.28
CA GLY A 211 -2.07 -4.15 -18.06
C GLY A 211 -2.51 -2.72 -18.26
N THR A 212 -3.71 -2.56 -18.79
CA THR A 212 -4.25 -1.26 -19.12
C THR A 212 -5.74 -1.32 -18.89
N GLY A 213 -6.31 -0.25 -18.35
CA GLY A 213 -7.76 -0.23 -18.17
C GLY A 213 -8.33 1.14 -18.03
N ASP A 214 -9.61 1.15 -17.69
CA ASP A 214 -10.31 2.39 -17.43
C ASP A 214 -9.76 3.03 -16.14
N TYR A 215 -10.27 4.19 -15.77
CA TYR A 215 -9.76 4.98 -14.70
C TYR A 215 -8.26 5.24 -14.79
N GLY A 216 -7.76 5.33 -16.00
CA GLY A 216 -6.34 5.67 -16.20
C GLY A 216 -5.36 4.62 -15.70
N ARG A 217 -5.82 3.37 -15.73
CA ARG A 217 -5.03 2.26 -15.24
C ARG A 217 -3.95 1.80 -16.22
N ALA A 218 -2.73 1.73 -15.72
CA ALA A 218 -1.62 1.25 -16.51
C ALA A 218 -0.60 0.60 -15.57
N ASN A 219 -0.39 -0.70 -15.83
CA ASN A 219 0.57 -1.53 -15.14
C ASN A 219 1.60 -2.18 -16.06
N ASP A 220 2.71 -2.58 -15.46
CA ASP A 220 3.65 -3.47 -16.09
C ASP A 220 4.33 -4.30 -14.99
N ILE A 221 4.41 -5.62 -15.18
CA ILE A 221 5.19 -6.50 -14.33
C ILE A 221 6.28 -7.16 -15.17
N ALA A 222 7.51 -7.12 -14.67
CA ALA A 222 8.66 -7.59 -15.42
C ALA A 222 9.69 -8.32 -14.59
N VAL A 223 10.42 -9.19 -15.28
CA VAL A 223 11.72 -9.64 -14.79
C VAL A 223 12.76 -9.03 -15.71
N VAL A 224 13.77 -8.42 -15.10
CA VAL A 224 14.88 -7.78 -15.83
C VAL A 224 16.22 -8.47 -15.50
N TRP A 225 17.16 -8.54 -16.44
CA TRP A 225 18.53 -9.03 -16.21
C TRP A 225 19.57 -7.99 -16.57
N SER A 226 20.56 -7.79 -15.69
CA SER A 226 21.69 -6.85 -15.94
C SER A 226 22.54 -7.30 -17.15
N PRO A 227 23.44 -6.43 -17.65
CA PRO A 227 24.24 -6.90 -18.81
C PRO A 227 25.09 -8.13 -18.46
N THR A 228 25.51 -8.22 -17.19
CA THR A 228 26.20 -9.40 -16.63
C THR A 228 25.27 -10.48 -16.07
N GLY A 229 24.03 -10.59 -16.55
CA GLY A 229 23.07 -11.69 -16.16
C GLY A 229 22.44 -11.76 -14.75
N VAL A 230 22.51 -10.69 -13.98
CA VAL A 230 21.89 -10.65 -12.62
C VAL A 230 20.39 -10.24 -12.64
N PRO A 231 19.47 -11.09 -12.11
CA PRO A 231 18.03 -10.83 -12.29
C PRO A 231 17.35 -9.95 -11.19
N TYR A 232 16.33 -9.19 -11.59
CA TYR A 232 15.48 -8.42 -10.67
C TYR A 232 14.04 -8.52 -11.10
N VAL A 233 13.12 -8.47 -10.13
CA VAL A 233 11.70 -8.43 -10.42
C VAL A 233 11.15 -7.04 -10.19
N VAL A 234 10.41 -6.51 -11.19
CA VAL A 234 9.87 -5.13 -11.13
C VAL A 234 8.36 -5.14 -11.39
N ALA A 235 7.60 -4.65 -10.40
CA ALA A 235 6.16 -4.47 -10.55
C ALA A 235 5.88 -3.02 -10.38
N VAL A 236 5.23 -2.43 -11.39
CA VAL A 236 4.84 -1.02 -11.38
C VAL A 236 3.34 -0.97 -11.72
N MET A 237 2.57 -0.30 -10.87
CA MET A 237 1.13 -0.19 -11.07
C MET A 237 0.71 1.25 -10.95
N SER A 238 -0.36 1.64 -11.65
CA SER A 238 -0.84 3.02 -11.60
C SER A 238 -2.28 3.17 -11.99
N ASP A 239 -2.88 4.25 -11.50
CA ASP A 239 -4.22 4.65 -11.97
C ASP A 239 -4.39 6.16 -11.85
N ARG A 240 -5.45 6.66 -12.50
CA ARG A 240 -5.75 8.11 -12.47
C ARG A 240 -7.24 8.26 -12.19
N ALA A 241 -7.68 7.60 -11.14
CA ALA A 241 -9.10 7.31 -10.92
C ALA A 241 -9.92 8.57 -10.68
N GLY A 242 -9.28 9.63 -10.17
CA GLY A 242 -9.95 10.89 -9.90
C GLY A 242 -10.33 11.61 -11.17
N GLY A 243 -9.72 11.24 -12.31
CA GLY A 243 -10.13 11.72 -13.59
C GLY A 243 -11.27 10.96 -14.23
N GLY A 244 -11.88 10.02 -13.51
CA GLY A 244 -13.05 9.29 -14.01
C GLY A 244 -12.77 8.08 -14.89
N TYR A 245 -13.86 7.41 -15.25
CA TYR A 245 -13.83 6.22 -16.06
C TYR A 245 -12.97 6.35 -17.33
N ASP A 246 -13.03 7.50 -17.98
CA ASP A 246 -12.32 7.79 -19.24
C ASP A 246 -10.93 8.45 -19.10
N ALA A 247 -10.39 8.51 -17.87
CA ALA A 247 -9.05 9.07 -17.67
C ALA A 247 -8.03 8.28 -18.52
N GLU A 248 -7.16 8.97 -19.22
CA GLU A 248 -6.25 8.26 -20.11
C GLU A 248 -5.16 7.63 -19.26
N PRO A 249 -4.71 6.42 -19.62
CA PRO A 249 -3.50 5.87 -18.98
C PRO A 249 -2.26 6.69 -19.35
N ARG A 250 -1.23 6.71 -18.51
CA ARG A 250 -0.02 7.48 -18.80
C ARG A 250 1.20 6.57 -18.83
N GLU A 251 1.51 5.98 -20.00
CA GLU A 251 2.64 5.03 -20.11
C GLU A 251 3.96 5.62 -19.62
N ALA A 252 4.19 6.89 -19.90
CA ALA A 252 5.46 7.54 -19.48
C ALA A 252 5.73 7.50 -17.94
N LEU A 253 4.66 7.46 -17.14
CA LEU A 253 4.77 7.36 -15.68
C LEU A 253 5.54 6.09 -15.31
N LEU A 254 5.17 4.99 -15.95
CA LEU A 254 5.78 3.71 -15.70
C LEU A 254 7.21 3.70 -16.23
N ALA A 255 7.46 4.30 -17.40
CA ALA A 255 8.84 4.36 -17.91
C ALA A 255 9.73 5.19 -16.97
N GLU A 256 9.20 6.29 -16.47
CA GLU A 256 9.96 7.13 -15.58
C GLU A 256 10.17 6.49 -14.21
N ALA A 257 9.17 5.80 -13.70
CA ALA A 257 9.31 5.06 -12.46
C ALA A 257 10.36 3.94 -12.64
N ALA A 258 10.27 3.21 -13.73
CA ALA A 258 11.28 2.22 -14.08
C ALA A 258 12.69 2.83 -14.17
N THR A 259 12.84 4.04 -14.69
CA THR A 259 14.16 4.70 -14.82
C THR A 259 14.74 4.95 -13.43
N CYS A 260 13.90 5.38 -12.49
CA CYS A 260 14.34 5.52 -11.09
C CYS A 260 14.82 4.21 -10.50
N VAL A 261 14.04 3.15 -10.71
CA VAL A 261 14.41 1.80 -10.27
C VAL A 261 15.76 1.43 -10.84
N ALA A 262 15.93 1.54 -12.16
CA ALA A 262 17.19 1.16 -12.84
C ALA A 262 18.41 1.90 -12.32
N GLY A 263 18.28 3.22 -12.11
CA GLY A 263 19.35 4.03 -11.52
C GLY A 263 19.81 3.55 -10.14
N VAL A 264 18.86 3.19 -9.29
CA VAL A 264 19.14 2.65 -7.97
C VAL A 264 19.79 1.26 -8.05
N LEU A 265 19.27 0.38 -8.89
CA LEU A 265 19.83 -0.97 -9.06
C LEU A 265 21.27 -1.00 -9.63
N ALA A 266 21.63 -0.07 -10.52
CA ALA A 266 23.02 0.05 -11.00
C ALA A 266 24.03 0.41 -9.89
N LEU A 267 23.69 1.36 -9.00
CA LEU A 267 24.42 1.51 -7.69
C LEU A 267 23.72 0.71 -6.54
N ASP B 2 -34.17 24.92 -13.26
CA ASP B 2 -33.22 23.90 -12.68
C ASP B 2 -31.91 24.50 -12.09
N LEU B 3 -31.19 23.65 -11.35
CA LEU B 3 -29.97 24.06 -10.67
C LEU B 3 -28.87 24.60 -11.60
N ALA B 4 -28.61 23.91 -12.71
CA ALA B 4 -27.56 24.35 -13.62
C ALA B 4 -27.79 25.79 -14.12
N ASP B 5 -29.05 26.12 -14.41
CA ASP B 5 -29.39 27.46 -14.88
C ASP B 5 -29.26 28.49 -13.76
N ARG B 6 -29.70 28.15 -12.54
CA ARG B 6 -29.47 29.02 -11.38
C ARG B 6 -28.00 29.33 -11.13
N PHE B 7 -27.15 28.30 -11.19
CA PHE B 7 -25.71 28.50 -11.00
C PHE B 7 -25.10 29.34 -12.13
N ALA B 8 -25.53 29.11 -13.37
CA ALA B 8 -25.10 29.94 -14.49
C ALA B 8 -25.52 31.39 -14.30
N GLU B 9 -26.71 31.62 -13.77
CA GLU B 9 -27.15 32.99 -13.54
C GLU B 9 -26.27 33.67 -12.49
N LEU B 10 -25.84 32.95 -11.46
CA LEU B 10 -24.93 33.52 -10.48
C LEU B 10 -23.58 33.87 -11.11
N GLU B 11 -23.05 32.97 -11.95
CA GLU B 11 -21.81 33.27 -12.68
C GLU B 11 -21.95 34.53 -13.50
N ARG B 12 -23.06 34.69 -14.22
CA ARG B 12 -23.30 35.89 -15.02
C ARG B 12 -23.32 37.13 -14.13
N ARG B 13 -24.15 37.09 -13.07
CA ARG B 13 -24.32 38.21 -12.16
C ARG B 13 -22.99 38.67 -11.52
N TYR B 14 -22.13 37.75 -11.12
CA TYR B 14 -20.88 38.13 -10.48
C TYR B 14 -19.65 38.16 -11.40
N ASP B 15 -19.90 38.01 -12.71
CA ASP B 15 -18.81 37.95 -13.67
C ASP B 15 -17.70 37.00 -13.21
N ALA B 16 -18.11 35.78 -12.93
CA ALA B 16 -17.26 34.74 -12.32
C ALA B 16 -17.48 33.37 -12.95
N ARG B 17 -16.55 32.48 -12.69
CA ARG B 17 -16.69 31.06 -12.95
C ARG B 17 -16.91 30.43 -11.58
N LEU B 18 -17.97 29.64 -11.45
CA LEU B 18 -18.37 28.99 -10.22
C LEU B 18 -18.24 27.47 -10.34
N GLY B 19 -17.68 26.85 -9.30
CA GLY B 19 -17.59 25.40 -9.18
C GLY B 19 -18.29 24.95 -7.91
N VAL B 20 -19.14 23.92 -8.01
CA VAL B 20 -19.89 23.38 -6.87
C VAL B 20 -19.92 21.87 -6.88
N TYR B 21 -19.66 21.25 -5.73
CA TYR B 21 -19.91 19.83 -5.52
C TYR B 21 -20.42 19.50 -4.13
N VAL B 22 -21.52 18.73 -4.06
CA VAL B 22 -22.01 18.10 -2.81
C VAL B 22 -22.14 16.60 -3.06
N PRO B 23 -21.33 15.77 -2.37
CA PRO B 23 -21.36 14.33 -2.65
C PRO B 23 -22.73 13.74 -2.41
N ALA B 24 -23.01 12.68 -3.15
CA ALA B 24 -24.16 11.84 -2.87
C ALA B 24 -24.14 11.29 -1.43
N THR B 25 -25.33 11.02 -0.94
CA THR B 25 -25.54 10.35 0.36
C THR B 25 -26.57 9.24 0.11
N GLY B 26 -26.91 8.50 1.16
CA GLY B 26 -27.97 7.49 1.10
C GLY B 26 -29.29 7.95 0.49
N THR B 27 -29.78 9.10 0.94
CA THR B 27 -31.06 9.66 0.49
C THR B 27 -30.98 10.72 -0.63
N THR B 28 -29.79 11.26 -0.94
CA THR B 28 -29.66 12.40 -1.86
C THR B 28 -28.73 12.15 -3.01
N ALA B 29 -29.11 12.63 -4.19
CA ALA B 29 -28.17 12.70 -5.33
C ALA B 29 -27.07 13.73 -5.10
N ALA B 30 -25.97 13.51 -5.80
CA ALA B 30 -24.90 14.51 -5.86
C ALA B 30 -25.40 15.79 -6.53
N ILE B 31 -24.81 16.91 -6.14
CA ILE B 31 -25.05 18.21 -6.78
C ILE B 31 -23.71 18.60 -7.40
N GLU B 32 -23.72 19.02 -8.67
CA GLU B 32 -22.48 19.26 -9.39
C GLU B 32 -22.62 20.36 -10.44
N TYR B 33 -21.69 21.31 -10.42
CA TYR B 33 -21.62 22.34 -11.44
C TYR B 33 -20.14 22.67 -11.65
N ARG B 34 -19.60 22.45 -12.85
CA ARG B 34 -18.19 22.56 -13.13
C ARG B 34 -17.30 21.84 -12.11
N ALA B 35 -17.82 20.72 -11.65
CA ALA B 35 -17.24 20.03 -10.51
C ALA B 35 -15.93 19.41 -10.81
N ASP B 36 -15.67 19.10 -12.09
CA ASP B 36 -14.40 18.50 -12.53
C ASP B 36 -13.43 19.48 -13.15
N GLU B 37 -13.80 20.77 -13.24
CA GLU B 37 -12.90 21.82 -13.64
C GLU B 37 -11.93 22.21 -12.53
N ARG B 38 -10.68 22.52 -12.90
CA ARG B 38 -9.65 22.93 -11.94
C ARG B 38 -9.83 24.35 -11.45
N PHE B 39 -9.74 24.52 -10.14
CA PHE B 39 -9.67 25.82 -9.45
C PHE B 39 -8.50 25.80 -8.51
N ALA B 40 -7.88 26.94 -8.29
CA ALA B 40 -6.80 27.04 -7.34
C ALA B 40 -7.33 26.74 -5.93
N PHE B 41 -6.56 25.91 -5.21
CA PHE B 41 -6.84 25.57 -3.81
C PHE B 41 -7.02 26.85 -2.99
N CYS B 42 -6.01 27.73 -3.07
CA CYS B 42 -5.76 28.78 -2.11
C CYS B 42 -5.73 28.08 -0.75
N ALA B 43 -6.19 28.71 0.34
CA ALA B 43 -6.06 28.08 1.66
C ALA B 43 -6.94 26.90 1.96
N THR B 44 -7.84 26.50 1.07
CA THR B 44 -8.63 25.29 1.34
C THR B 44 -7.76 24.07 1.55
N PHE B 45 -6.53 24.08 1.02
CA PHE B 45 -5.58 23.01 1.25
C PHE B 45 -5.21 22.81 2.71
N LYS B 46 -5.38 23.85 3.53
CA LYS B 46 -4.92 23.82 4.92
C LYS B 46 -5.66 22.78 5.77
N ALA B 47 -6.94 22.54 5.47
CA ALA B 47 -7.68 21.45 6.10
C ALA B 47 -7.04 20.06 5.88
N PRO B 48 -6.92 19.59 4.63
CA PRO B 48 -6.19 18.33 4.50
C PRO B 48 -4.74 18.37 4.96
N LEU B 49 -4.11 19.52 4.96
CA LEU B 49 -2.73 19.65 5.47
C LEU B 49 -2.70 19.28 6.95
N VAL B 50 -3.63 19.83 7.71
CA VAL B 50 -3.73 19.53 9.14
C VAL B 50 -4.05 18.04 9.34
N ALA B 51 -4.93 17.47 8.51
CA ALA B 51 -5.21 16.05 8.57
C ALA B 51 -3.97 15.23 8.33
N ALA B 52 -3.14 15.61 7.35
CA ALA B 52 -1.88 14.89 7.10
C ALA B 52 -0.97 14.91 8.33
N VAL B 53 -0.81 16.08 8.94
CA VAL B 53 0.04 16.22 10.11
C VAL B 53 -0.50 15.37 11.27
N LEU B 54 -1.80 15.47 11.55
CA LEU B 54 -2.45 14.59 12.51
C LEU B 54 -2.23 13.09 12.21
N HIS B 55 -2.47 12.68 10.98
CA HIS B 55 -2.38 11.28 10.60
C HIS B 55 -0.99 10.69 10.77
N GLN B 56 0.04 11.46 10.43
CA GLN B 56 1.40 10.92 10.26
C GLN B 56 2.20 10.77 11.54
N ASN B 57 1.69 11.31 12.64
CA ASN B 57 2.40 11.33 13.91
C ASN B 57 1.42 10.98 15.05
N PRO B 58 1.97 10.55 16.20
CA PRO B 58 1.09 10.39 17.38
C PRO B 58 0.63 11.75 17.90
N LEU B 59 -0.46 11.78 18.68
CA LEU B 59 -1.00 13.02 19.24
C LEU B 59 0.02 13.88 19.99
N THR B 60 1.00 13.22 20.61
CA THR B 60 2.05 13.92 21.36
C THR B 60 2.89 14.85 20.49
N HIS B 61 2.94 14.60 19.19
CA HIS B 61 3.65 15.45 18.22
C HIS B 61 3.07 16.87 18.17
N LEU B 62 1.80 17.00 18.53
CA LEU B 62 1.18 18.32 18.63
C LEU B 62 1.83 19.27 19.63
N ASP B 63 2.64 18.78 20.56
CA ASP B 63 3.32 19.67 21.52
C ASP B 63 4.75 19.94 21.13
N LYS B 64 5.21 19.47 19.96
CA LYS B 64 6.54 19.85 19.50
C LYS B 64 6.62 21.36 19.24
N LEU B 65 7.61 22.03 19.82
CA LEU B 65 7.75 23.49 19.70
C LEU B 65 8.53 23.78 18.42
N ILE B 66 7.99 24.65 17.58
CA ILE B 66 8.65 25.09 16.33
C ILE B 66 9.05 26.55 16.52
N THR B 67 10.30 26.90 16.22
CA THR B 67 10.72 28.30 16.27
C THR B 67 10.92 28.81 14.85
N TYR B 68 10.85 30.12 14.72
CA TYR B 68 10.89 30.77 13.43
C TYR B 68 11.13 32.26 13.70
N THR B 69 11.58 33.01 12.69
CA THR B 69 11.96 34.43 12.87
C THR B 69 10.91 35.30 12.22
N SER B 70 10.98 36.62 12.40
CA SER B 70 10.01 37.52 11.74
C SER B 70 10.32 37.73 10.25
N ASP B 71 11.56 37.45 9.84
CA ASP B 71 11.86 37.27 8.41
C ASP B 71 11.08 36.09 7.80
N ASP B 72 10.88 35.01 8.55
CA ASP B 72 10.09 33.89 8.05
C ASP B 72 8.62 34.25 7.75
N ILE B 73 8.13 35.43 8.18
CA ILE B 73 6.76 35.86 7.90
C ILE B 73 6.67 36.60 6.55
N ARG B 74 6.28 35.89 5.50
CA ARG B 74 6.21 36.39 4.14
C ARG B 74 4.80 36.36 3.56
N SER B 75 3.80 36.17 4.42
CA SER B 75 2.37 36.10 4.07
C SER B 75 1.56 36.54 5.26
N ILE B 76 0.29 36.94 5.03
CA ILE B 76 -0.62 37.34 6.11
C ILE B 76 -0.65 36.21 7.12
N SER B 77 -0.23 36.50 8.36
CA SER B 77 -0.05 35.49 9.42
C SER B 77 -0.50 36.09 10.76
N PRO B 78 -1.83 36.23 10.96
CA PRO B 78 -2.35 36.98 12.08
C PRO B 78 -1.95 36.43 13.43
N VAL B 79 -1.76 35.12 13.52
CA VAL B 79 -1.33 34.46 14.75
C VAL B 79 0.22 34.37 14.82
N ALA B 80 0.86 33.88 13.76
CA ALA B 80 2.29 33.59 13.84
C ALA B 80 3.10 34.84 14.11
N GLN B 81 2.61 36.02 13.71
CA GLN B 81 3.34 37.28 13.97
C GLN B 81 3.28 37.75 15.43
N GLN B 82 2.39 37.15 16.22
CA GLN B 82 2.31 37.50 17.63
C GLN B 82 3.13 36.53 18.51
N HIS B 83 3.88 35.57 17.92
CA HIS B 83 4.54 34.50 18.67
C HIS B 83 5.96 34.18 18.20
N VAL B 84 6.68 35.14 17.59
CA VAL B 84 8.05 34.88 17.10
C VAL B 84 9.04 34.56 18.23
N GLN B 85 9.00 35.28 19.36
CA GLN B 85 9.97 34.99 20.44
C GLN B 85 9.68 33.64 21.14
N THR B 86 8.42 33.35 21.46
CA THR B 86 8.03 32.08 22.14
C THR B 86 8.07 30.79 21.28
N GLY B 87 7.85 30.91 19.97
CA GLY B 87 7.62 29.75 19.15
C GLY B 87 6.15 29.36 19.20
N MET B 88 5.79 28.38 18.36
CA MET B 88 4.45 27.80 18.38
C MET B 88 4.57 26.30 18.32
N THR B 89 3.67 25.60 18.99
CA THR B 89 3.60 24.13 18.91
C THR B 89 2.90 23.74 17.61
N ILE B 90 3.15 22.53 17.11
CA ILE B 90 2.42 22.00 15.94
C ILE B 90 0.89 22.17 16.12
N GLY B 91 0.40 21.87 17.31
CA GLY B 91 -1.01 22.03 17.61
C GLY B 91 -1.53 23.44 17.44
N GLN B 92 -0.75 24.41 17.89
CA GLN B 92 -1.10 25.84 17.73
C GLN B 92 -1.02 26.28 16.27
N LEU B 93 -0.06 25.74 15.54
CA LEU B 93 0.06 25.98 14.10
C LEU B 93 -1.16 25.44 13.34
N CYS B 94 -1.61 24.23 13.68
CA CYS B 94 -2.87 23.69 13.12
C CYS B 94 -4.05 24.61 13.40
N ASP B 95 -4.14 25.08 14.64
CA ASP B 95 -5.23 25.97 15.06
C ASP B 95 -5.17 27.23 14.20
N ALA B 96 -3.98 27.81 14.07
CA ALA B 96 -3.82 29.08 13.34
C ALA B 96 -4.09 28.90 11.84
N ALA B 97 -3.52 27.83 11.27
CA ALA B 97 -3.70 27.52 9.87
C ALA B 97 -5.17 27.42 9.49
N ILE B 98 -5.97 26.79 10.33
CA ILE B 98 -7.37 26.61 9.98
C ILE B 98 -8.23 27.82 10.32
N ARG B 99 -8.03 28.40 11.50
CA ARG B 99 -9.01 29.34 12.07
C ARG B 99 -8.78 30.79 11.66
N TYR B 100 -7.52 31.18 11.49
CA TYR B 100 -7.17 32.53 11.04
C TYR B 100 -6.51 32.49 9.66
N SER B 101 -6.55 31.32 9.04
CA SER B 101 -5.84 31.07 7.79
C SER B 101 -4.42 31.65 7.72
N ASP B 102 -3.65 31.40 8.75
CA ASP B 102 -2.29 31.87 8.87
C ASP B 102 -1.42 31.24 7.81
N GLY B 103 -0.71 32.05 7.02
CA GLY B 103 0.12 31.46 5.95
C GLY B 103 1.46 30.94 6.39
N THR B 104 2.06 31.60 7.38
CA THR B 104 3.31 31.10 7.97
C THR B 104 3.08 29.77 8.67
N ALA B 105 1.94 29.65 9.37
CA ALA B 105 1.57 28.41 10.03
C ALA B 105 1.56 27.24 9.04
N ALA B 106 0.88 27.47 7.91
CA ALA B 106 0.78 26.48 6.85
C ALA B 106 2.14 26.10 6.29
N ASN B 107 3.02 27.08 6.06
CA ASN B 107 4.34 26.75 5.55
C ASN B 107 5.14 25.91 6.50
N LEU B 108 5.02 26.20 7.80
CA LEU B 108 5.74 25.41 8.81
C LEU B 108 5.17 23.96 8.90
N LEU B 109 3.85 23.85 8.83
CA LEU B 109 3.21 22.54 8.78
C LEU B 109 3.60 21.72 7.55
N LEU B 110 3.72 22.38 6.39
CA LEU B 110 4.23 21.70 5.20
C LEU B 110 5.64 21.20 5.41
N ALA B 111 6.51 22.03 5.99
CA ALA B 111 7.89 21.59 6.29
C ALA B 111 7.91 20.41 7.26
N ASP B 112 6.94 20.36 8.17
CA ASP B 112 6.87 19.20 9.06
C ASP B 112 6.56 17.88 8.37
N LEU B 113 5.86 17.91 7.26
CA LEU B 113 5.66 16.72 6.42
C LEU B 113 6.98 16.23 5.76
N GLY B 114 7.90 17.15 5.50
CA GLY B 114 9.21 16.78 4.94
C GLY B 114 9.24 16.61 3.44
N GLY B 115 10.44 16.31 2.95
CA GLY B 115 10.67 16.04 1.52
C GLY B 115 10.78 17.32 0.68
N PRO B 116 10.98 17.17 -0.63
CA PRO B 116 11.15 18.31 -1.53
C PRO B 116 9.94 19.23 -1.67
N GLY B 117 10.21 20.44 -2.17
CA GLY B 117 9.20 21.48 -2.37
C GLY B 117 8.65 22.06 -1.08
N GLY B 118 9.47 22.03 -0.02
CA GLY B 118 9.07 22.47 1.31
C GLY B 118 7.87 21.70 1.88
N GLY B 119 7.70 20.43 1.46
CA GLY B 119 6.58 19.59 1.90
C GLY B 119 5.40 19.39 0.94
N THR B 120 5.40 20.15 -0.17
CA THR B 120 4.34 20.08 -1.13
C THR B 120 4.21 18.72 -1.81
N ALA B 121 5.32 18.07 -2.13
CA ALA B 121 5.28 16.70 -2.67
C ALA B 121 4.67 15.69 -1.67
N ALA B 122 5.10 15.78 -0.43
CA ALA B 122 4.51 14.94 0.61
C ALA B 122 3.01 15.18 0.77
N PHE B 123 2.61 16.45 0.77
CA PHE B 123 1.19 16.80 0.84
C PHE B 123 0.42 16.20 -0.32
N THR B 124 0.97 16.30 -1.54
CA THR B 124 0.31 15.74 -2.72
C THR B 124 0.22 14.20 -2.55
N GLY B 125 1.30 13.59 -2.04
CA GLY B 125 1.31 12.19 -1.67
C GLY B 125 0.21 11.77 -0.70
N TYR B 126 -0.03 12.60 0.31
CA TYR B 126 -1.08 12.31 1.28
C TYR B 126 -2.44 12.31 0.56
N LEU B 127 -2.68 13.27 -0.32
CA LEU B 127 -3.95 13.28 -1.07
C LEU B 127 -4.12 12.06 -1.97
N ARG B 128 -3.02 11.59 -2.57
CA ARG B 128 -3.04 10.35 -3.36
C ARG B 128 -3.45 9.14 -2.48
N SER B 129 -2.89 9.11 -1.27
CA SER B 129 -3.23 8.04 -0.35
C SER B 129 -4.70 8.04 0.02
N LEU B 130 -5.38 9.18 -0.13
CA LEU B 130 -6.82 9.29 0.10
C LEU B 130 -7.65 9.12 -1.18
N GLY B 131 -7.07 8.66 -2.27
CA GLY B 131 -7.80 8.47 -3.49
C GLY B 131 -7.93 9.66 -4.44
N ASP B 132 -7.35 10.81 -4.09
CA ASP B 132 -7.40 12.01 -4.91
C ASP B 132 -6.20 12.03 -5.86
N THR B 133 -6.48 11.81 -7.14
CA THR B 133 -5.45 11.74 -8.16
C THR B 133 -5.29 13.03 -8.96
N VAL B 134 -6.24 13.95 -8.78
CA VAL B 134 -6.35 15.18 -9.57
C VAL B 134 -5.56 16.29 -8.90
N SER B 135 -5.80 16.53 -7.61
CA SER B 135 -5.23 17.67 -6.91
C SER B 135 -3.72 17.65 -6.85
N ARG B 136 -3.14 18.84 -6.76
CA ARG B 136 -1.72 18.95 -6.54
C ARG B 136 -1.37 20.26 -5.92
N LEU B 137 -0.31 20.25 -5.11
CA LEU B 137 0.25 21.44 -4.56
C LEU B 137 1.72 21.48 -4.95
N ASP B 138 2.18 22.67 -5.33
CA ASP B 138 3.51 22.89 -5.87
C ASP B 138 4.29 24.00 -5.22
N ALA B 139 3.62 25.05 -4.77
CA ALA B 139 4.27 26.20 -4.17
C ALA B 139 3.84 26.32 -2.71
N GLU B 140 4.59 27.14 -1.98
CA GLU B 140 4.23 27.55 -0.64
C GLU B 140 3.39 28.83 -0.63
N GLU B 141 3.02 29.26 0.58
CA GLU B 141 2.35 30.54 0.79
C GLU B 141 3.40 31.65 0.69
N PRO B 142 3.09 32.81 0.09
CA PRO B 142 1.81 33.13 -0.54
C PRO B 142 1.74 32.80 -2.03
N GLU B 143 2.81 32.25 -2.64
CA GLU B 143 2.84 32.07 -4.10
C GLU B 143 1.66 31.20 -4.63
N LEU B 144 1.25 30.19 -3.87
CA LEU B 144 0.24 29.26 -4.32
C LEU B 144 -1.15 29.90 -4.60
N ASN B 145 -1.34 31.13 -4.14
CA ASN B 145 -2.55 31.90 -4.44
C ASN B 145 -2.49 32.72 -5.76
N ARG B 146 -1.36 32.68 -6.51
CA ARG B 146 -1.07 33.64 -7.58
C ARG B 146 -0.79 33.08 -8.93
N ASP B 147 -1.02 31.79 -9.12
CA ASP B 147 -0.71 31.17 -10.39
C ASP B 147 -1.68 31.71 -11.44
N PRO B 148 -1.22 31.82 -12.68
CA PRO B 148 -2.14 32.27 -13.73
C PRO B 148 -3.29 31.28 -13.96
N PRO B 149 -4.46 31.77 -14.42
CA PRO B 149 -5.55 30.86 -14.84
C PRO B 149 -5.06 29.86 -15.86
N GLY B 150 -5.53 28.60 -15.79
CA GLY B 150 -5.07 27.53 -16.70
C GLY B 150 -3.81 26.78 -16.30
N ASP B 151 -2.98 27.35 -15.45
CA ASP B 151 -1.87 26.64 -14.82
C ASP B 151 -2.49 25.59 -13.84
N GLU B 152 -2.04 24.34 -13.93
CA GLU B 152 -2.59 23.24 -13.11
C GLU B 152 -1.89 23.11 -11.76
N ARG B 153 -0.74 23.75 -11.62
CA ARG B 153 -0.08 23.85 -10.31
C ARG B 153 -1.04 24.42 -9.25
N ASP B 154 -0.97 23.85 -8.05
CA ASP B 154 -1.75 24.33 -6.91
C ASP B 154 -3.26 24.32 -7.16
N THR B 155 -3.74 23.36 -7.95
CA THR B 155 -5.15 23.27 -8.23
C THR B 155 -5.77 21.99 -7.64
N THR B 156 -7.10 22.09 -7.46
CA THR B 156 -7.93 20.93 -7.17
C THR B 156 -9.23 21.08 -7.97
N THR B 157 -10.20 20.23 -7.74
CA THR B 157 -11.54 20.45 -8.26
C THR B 157 -12.53 20.37 -7.12
N PRO B 158 -13.72 20.95 -7.31
CA PRO B 158 -14.77 20.82 -6.30
C PRO B 158 -15.06 19.37 -5.95
N HIS B 159 -15.12 18.50 -6.97
CA HIS B 159 -15.36 17.07 -6.79
C HIS B 159 -14.28 16.45 -5.89
N ALA B 160 -13.03 16.64 -6.26
CA ALA B 160 -11.96 16.05 -5.54
C ALA B 160 -11.88 16.52 -4.07
N ILE B 161 -11.92 17.83 -3.86
CA ILE B 161 -11.73 18.39 -2.54
C ILE B 161 -12.91 17.99 -1.61
N ALA B 162 -14.12 17.91 -2.17
CA ALA B 162 -15.28 17.46 -1.41
C ALA B 162 -15.12 16.02 -0.88
N LEU B 163 -14.70 15.11 -1.76
CA LEU B 163 -14.44 13.73 -1.36
C LEU B 163 -13.30 13.58 -0.32
N VAL B 164 -12.26 14.37 -0.46
CA VAL B 164 -11.21 14.40 0.57
C VAL B 164 -11.83 14.90 1.89
N LEU B 165 -12.57 16.02 1.88
CA LEU B 165 -13.09 16.57 3.14
C LEU B 165 -14.06 15.57 3.82
N GLN B 166 -14.90 14.92 3.03
CA GLN B 166 -15.79 13.87 3.53
C GLN B 166 -15.04 12.75 4.20
N GLN B 167 -13.95 12.28 3.59
CA GLN B 167 -13.18 11.20 4.21
C GLN B 167 -12.60 11.65 5.58
N LEU B 168 -12.20 12.92 5.66
CA LEU B 168 -11.51 13.41 6.84
C LEU B 168 -12.43 13.67 8.05
N VAL B 169 -13.62 14.18 7.78
CA VAL B 169 -14.56 14.62 8.81
C VAL B 169 -15.73 13.63 9.04
N LEU B 170 -16.27 13.06 7.97
CA LEU B 170 -17.36 12.06 8.05
C LEU B 170 -16.93 10.56 7.95
N GLY B 171 -15.83 10.25 7.27
CA GLY B 171 -15.30 8.90 7.21
C GLY B 171 -14.23 8.66 8.26
N ASN B 172 -13.31 7.76 7.92
CA ASN B 172 -12.44 7.12 8.91
C ASN B 172 -10.99 7.34 8.58
N ALA B 173 -10.69 8.41 7.85
CA ALA B 173 -9.30 8.78 7.51
C ALA B 173 -8.48 9.11 8.77
N LEU B 174 -9.14 9.71 9.75
CA LEU B 174 -8.56 9.92 11.05
C LEU B 174 -9.34 9.16 12.16
N PRO B 175 -8.66 8.66 13.18
CA PRO B 175 -9.38 8.08 14.34
C PRO B 175 -10.10 9.16 15.15
N PRO B 176 -11.15 8.78 15.91
CA PRO B 176 -12.11 9.82 16.39
C PRO B 176 -11.54 10.97 17.21
N ASP B 177 -10.45 10.78 17.92
CA ASP B 177 -9.85 11.88 18.74
C ASP B 177 -9.08 12.94 17.87
N LYS B 178 -8.34 12.49 16.88
CA LYS B 178 -7.75 13.38 15.89
C LYS B 178 -8.82 14.06 15.03
N ARG B 179 -9.78 13.28 14.58
CA ARG B 179 -10.91 13.82 13.83
C ARG B 179 -11.63 14.93 14.54
N ALA B 180 -11.82 14.82 15.84
CA ALA B 180 -12.59 15.82 16.62
C ALA B 180 -11.79 17.13 16.72
N LEU B 181 -10.46 17.04 16.79
CA LEU B 181 -9.61 18.21 16.71
C LEU B 181 -9.81 18.94 15.39
N LEU B 182 -9.59 18.25 14.27
CA LEU B 182 -9.83 18.87 12.95
C LEU B 182 -11.22 19.48 12.88
N THR B 183 -12.22 18.73 13.29
CA THR B 183 -13.62 19.19 13.25
C THR B 183 -13.85 20.45 14.11
N ASP B 184 -13.26 20.50 15.31
CA ASP B 184 -13.39 21.64 16.24
C ASP B 184 -12.69 22.91 15.69
N TRP B 185 -11.46 22.76 15.21
CA TRP B 185 -10.77 23.89 14.54
C TRP B 185 -11.60 24.47 13.37
N MET B 186 -12.16 23.61 12.55
CA MET B 186 -12.99 24.10 11.46
C MET B 186 -14.30 24.66 11.99
N ALA B 187 -14.73 24.19 13.15
CA ALA B 187 -16.03 24.61 13.70
C ALA B 187 -15.91 26.03 14.21
N ARG B 188 -14.73 26.40 14.67
CA ARG B 188 -14.45 27.73 15.22
C ARG B 188 -13.60 28.59 14.26
N ASN B 189 -13.77 28.40 12.96
CA ASN B 189 -13.17 29.22 11.94
C ASN B 189 -13.64 30.66 12.05
N THR B 190 -12.71 31.63 11.97
CA THR B 190 -13.09 33.04 12.04
C THR B 190 -13.29 33.69 10.67
N THR B 191 -12.88 33.04 9.57
CA THR B 191 -12.80 33.71 8.28
C THR B 191 -13.97 33.45 7.34
N GLY B 192 -14.93 32.62 7.71
CA GLY B 192 -15.94 32.15 6.75
C GLY B 192 -17.35 32.64 6.85
N ALA B 193 -17.60 33.68 7.67
CA ALA B 193 -18.97 34.11 8.00
C ALA B 193 -19.82 34.53 6.81
N LYS B 194 -19.16 35.04 5.77
CA LYS B 194 -19.85 35.64 4.64
C LYS B 194 -19.96 34.70 3.44
N ARG B 195 -19.55 33.44 3.61
CA ARG B 195 -19.53 32.46 2.53
C ARG B 195 -20.54 31.34 2.72
N ILE B 196 -20.14 30.07 2.88
CA ILE B 196 -21.14 28.98 2.97
C ILE B 196 -22.06 29.23 4.17
N ARG B 197 -21.47 29.57 5.32
CA ARG B 197 -22.22 29.98 6.50
C ARG B 197 -23.37 30.95 6.19
N ALA B 198 -23.10 32.01 5.43
CA ALA B 198 -24.13 33.02 5.14
C ALA B 198 -25.29 32.52 4.29
N GLY B 199 -25.12 31.40 3.60
CA GLY B 199 -26.18 30.88 2.71
C GLY B 199 -26.98 29.74 3.29
N PHE B 200 -26.52 29.17 4.39
CA PHE B 200 -27.29 28.17 5.13
C PHE B 200 -28.01 28.86 6.28
N PRO B 201 -29.32 28.56 6.50
CA PRO B 201 -30.05 29.05 7.67
C PRO B 201 -29.30 28.77 8.99
N ALA B 202 -29.52 29.61 10.01
CA ALA B 202 -28.72 29.55 11.26
C ALA B 202 -28.89 28.27 12.09
N ASP B 203 -30.01 27.55 11.91
CA ASP B 203 -30.22 26.28 12.61
C ASP B 203 -29.38 25.11 12.08
N TRP B 204 -28.78 25.27 10.89
CA TRP B 204 -27.80 24.28 10.38
C TRP B 204 -26.43 24.58 10.96
N LYS B 205 -25.74 23.55 11.42
CA LYS B 205 -24.34 23.69 11.85
C LYS B 205 -23.49 23.77 10.57
N VAL B 206 -22.42 24.57 10.61
CA VAL B 206 -21.48 24.72 9.51
C VAL B 206 -20.08 24.80 10.07
N ILE B 207 -19.19 23.90 9.65
CA ILE B 207 -17.74 24.02 9.84
C ILE B 207 -17.14 24.25 8.43
N ASP B 208 -16.05 25.00 8.33
CA ASP B 208 -15.52 25.36 7.01
C ASP B 208 -14.07 25.78 7.04
N LYS B 209 -13.50 25.82 5.83
CA LYS B 209 -12.21 26.46 5.58
C LYS B 209 -12.26 27.23 4.27
N THR B 210 -11.88 28.50 4.34
CA THR B 210 -11.92 29.40 3.18
C THR B 210 -10.63 29.38 2.37
N GLY B 211 -10.72 29.90 1.16
CA GLY B 211 -9.55 30.25 0.39
C GLY B 211 -9.83 31.52 -0.42
N THR B 212 -8.79 32.36 -0.58
CA THR B 212 -8.92 33.61 -1.28
C THR B 212 -7.65 33.88 -2.04
N GLY B 213 -7.75 34.45 -3.22
CA GLY B 213 -6.52 34.78 -3.96
C GLY B 213 -6.70 35.77 -5.09
N ASP B 214 -5.65 35.95 -5.87
CA ASP B 214 -5.67 36.79 -7.04
C ASP B 214 -6.61 36.25 -8.10
N TYR B 215 -6.79 37.00 -9.18
CA TYR B 215 -7.76 36.70 -10.21
C TYR B 215 -9.15 36.47 -9.64
N GLY B 216 -9.50 37.19 -8.57
CA GLY B 216 -10.86 37.11 -8.02
C GLY B 216 -11.24 35.75 -7.47
N ARG B 217 -10.23 35.04 -6.94
CA ARG B 217 -10.43 33.73 -6.35
C ARG B 217 -11.04 33.78 -4.97
N ALA B 218 -12.13 33.03 -4.82
CA ALA B 218 -12.77 32.85 -3.52
C ALA B 218 -13.41 31.48 -3.44
N ASN B 219 -12.91 30.69 -2.49
CA ASN B 219 -13.41 29.36 -2.18
C ASN B 219 -13.89 29.21 -0.73
N ASP B 220 -14.72 28.20 -0.55
CA ASP B 220 -15.08 27.72 0.76
C ASP B 220 -15.40 26.23 0.67
N ILE B 221 -14.82 25.42 1.55
CA ILE B 221 -15.18 24.00 1.69
C ILE B 221 -15.73 23.76 3.09
N ALA B 222 -16.87 23.09 3.16
CA ALA B 222 -17.56 22.90 4.42
C ALA B 222 -18.19 21.55 4.60
N VAL B 223 -18.36 21.17 5.86
CA VAL B 223 -19.32 20.15 6.25
C VAL B 223 -20.45 20.86 6.98
N VAL B 224 -21.68 20.58 6.55
CA VAL B 224 -22.88 21.15 7.16
C VAL B 224 -23.75 20.04 7.77
N TRP B 225 -24.46 20.35 8.86
CA TRP B 225 -25.46 19.42 9.46
C TRP B 225 -26.85 20.07 9.47
N SER B 226 -27.88 19.32 9.06
CA SER B 226 -29.29 19.78 9.13
C SER B 226 -29.74 20.00 10.59
N PRO B 227 -30.91 20.66 10.78
CA PRO B 227 -31.29 20.88 12.20
C PRO B 227 -31.50 19.55 12.97
N THR B 228 -31.93 18.52 12.23
CA THR B 228 -32.04 17.15 12.74
C THR B 228 -30.76 16.30 12.59
N GLY B 229 -29.58 16.93 12.56
CA GLY B 229 -28.26 16.22 12.58
C GLY B 229 -27.77 15.41 11.36
N VAL B 230 -28.37 15.60 10.19
CA VAL B 230 -27.95 14.88 8.95
C VAL B 230 -26.80 15.62 8.20
N PRO B 231 -25.64 14.97 7.97
CA PRO B 231 -24.47 15.70 7.43
C PRO B 231 -24.34 15.74 5.88
N TYR B 232 -23.80 16.85 5.36
CA TYR B 232 -23.51 17.00 3.94
C TYR B 232 -22.18 17.69 3.76
N VAL B 233 -21.47 17.36 2.70
CA VAL B 233 -20.22 18.07 2.36
C VAL B 233 -20.44 19.06 1.21
N VAL B 234 -19.99 20.30 1.38
CA VAL B 234 -20.22 21.38 0.38
C VAL B 234 -18.89 22.06 0.00
N ALA B 235 -18.56 21.97 -1.28
CA ALA B 235 -17.35 22.62 -1.82
C ALA B 235 -17.83 23.60 -2.86
N VAL B 236 -17.44 24.86 -2.67
CA VAL B 236 -17.81 25.95 -3.57
C VAL B 236 -16.51 26.68 -3.93
N MET B 237 -16.24 26.80 -5.22
CA MET B 237 -15.00 27.43 -5.68
C MET B 237 -15.35 28.48 -6.71
N SER B 238 -14.56 29.54 -6.79
CA SER B 238 -14.80 30.61 -7.78
C SER B 238 -13.58 31.39 -8.16
N ASP B 239 -13.62 31.95 -9.35
CA ASP B 239 -12.64 32.93 -9.77
C ASP B 239 -13.23 33.95 -10.77
N ARG B 240 -12.51 35.05 -10.98
CA ARG B 240 -12.96 36.10 -11.92
C ARG B 240 -11.81 36.52 -12.80
N ALA B 241 -11.25 35.55 -13.48
CA ALA B 241 -10.19 35.79 -14.49
C ALA B 241 -10.35 36.96 -15.48
N GLY B 242 -11.58 37.18 -15.91
CA GLY B 242 -11.88 38.25 -16.86
C GLY B 242 -11.74 39.62 -16.28
N GLY B 243 -11.78 39.71 -14.95
CA GLY B 243 -11.49 40.96 -14.26
C GLY B 243 -10.01 41.19 -14.00
N GLY B 244 -9.13 40.31 -14.44
CA GLY B 244 -7.67 40.48 -14.24
C GLY B 244 -7.09 40.08 -12.89
N TYR B 245 -5.77 40.09 -12.80
CA TYR B 245 -5.00 39.79 -11.61
C TYR B 245 -5.57 40.41 -10.33
N ASP B 246 -6.03 41.65 -10.40
CA ASP B 246 -6.55 42.39 -9.22
C ASP B 246 -8.06 42.36 -9.04
N ALA B 247 -8.74 41.45 -9.74
CA ALA B 247 -10.19 41.28 -9.59
C ALA B 247 -10.53 41.00 -8.14
N GLU B 248 -11.53 41.71 -7.62
CA GLU B 248 -11.93 41.48 -6.26
C GLU B 248 -12.60 40.10 -6.19
N PRO B 249 -12.31 39.32 -5.13
CA PRO B 249 -13.07 38.12 -4.87
C PRO B 249 -14.52 38.44 -4.52
N ARG B 250 -15.48 37.56 -4.82
CA ARG B 250 -16.89 37.90 -4.58
C ARG B 250 -17.52 36.93 -3.58
N GLU B 251 -17.39 37.22 -2.28
CA GLU B 251 -17.91 36.35 -1.22
C GLU B 251 -19.40 36.04 -1.41
N ALA B 252 -20.20 37.03 -1.82
CA ALA B 252 -21.65 36.80 -1.96
C ALA B 252 -22.02 35.71 -2.97
N LEU B 253 -21.17 35.48 -3.97
CA LEU B 253 -21.36 34.41 -4.95
C LEU B 253 -21.45 33.06 -4.26
N LEU B 254 -20.54 32.84 -3.32
CA LEU B 254 -20.46 31.62 -2.56
C LEU B 254 -21.66 31.53 -1.61
N ALA B 255 -22.07 32.62 -0.99
CA ALA B 255 -23.25 32.60 -0.12
C ALA B 255 -24.51 32.25 -0.93
N GLU B 256 -24.62 32.83 -2.11
CA GLU B 256 -25.79 32.58 -2.94
C GLU B 256 -25.79 31.18 -3.52
N ALA B 257 -24.61 30.68 -3.91
CA ALA B 257 -24.49 29.31 -4.37
C ALA B 257 -24.83 28.34 -3.23
N ALA B 258 -24.31 28.60 -2.05
CA ALA B 258 -24.68 27.83 -0.87
C ALA B 258 -26.19 27.85 -0.60
N THR B 259 -26.86 28.99 -0.82
CA THR B 259 -28.33 29.10 -0.60
C THR B 259 -29.07 28.17 -1.56
N CYS B 260 -28.63 28.10 -2.80
CA CYS B 260 -29.19 27.12 -3.75
C CYS B 260 -29.03 25.69 -3.25
N VAL B 261 -27.83 25.35 -2.79
CA VAL B 261 -27.55 24.03 -2.25
C VAL B 261 -28.53 23.75 -1.09
N ALA B 262 -28.62 24.67 -0.14
CA ALA B 262 -29.48 24.48 1.05
C ALA B 262 -30.98 24.28 0.68
N GLY B 263 -31.48 25.07 -0.26
CA GLY B 263 -32.84 24.92 -0.79
C GLY B 263 -33.12 23.56 -1.39
N VAL B 264 -32.19 23.02 -2.15
CA VAL B 264 -32.29 21.68 -2.73
C VAL B 264 -32.25 20.60 -1.65
N LEU B 265 -31.33 20.70 -0.70
CA LEU B 265 -31.24 19.72 0.40
C LEU B 265 -32.49 19.68 1.33
N ALA B 266 -33.12 20.82 1.58
CA ALA B 266 -34.38 20.87 2.36
C ALA B 266 -35.56 20.20 1.60
N LEU B 267 -35.70 20.48 0.30
CA LEU B 267 -36.86 20.04 -0.49
C LEU B 267 -36.75 18.67 -1.17
N GLU B 268 -35.77 17.81 -0.85
CA GLU B 268 -35.58 16.56 -1.67
C GLU B 268 -36.41 15.33 -1.20
N HIS B 269 -36.08 14.77 -0.03
CA HIS B 269 -36.45 13.35 0.30
C HIS B 269 -37.16 13.26 1.62
N MET C 1 -11.63 -32.34 9.26
CA MET C 1 -11.49 -32.54 7.78
C MET C 1 -10.22 -31.78 7.29
N ASP C 2 -10.37 -30.82 6.37
CA ASP C 2 -9.28 -29.92 5.83
C ASP C 2 -8.51 -29.10 6.90
N LEU C 3 -7.40 -28.50 6.46
CA LEU C 3 -6.51 -27.74 7.36
C LEU C 3 -7.19 -26.59 8.09
N ALA C 4 -7.98 -25.77 7.38
CA ALA C 4 -8.58 -24.59 8.00
C ALA C 4 -9.50 -25.02 9.18
N ASP C 5 -10.22 -26.12 9.01
CA ASP C 5 -11.09 -26.62 10.06
C ASP C 5 -10.29 -27.18 11.24
N ARG C 6 -9.23 -27.92 10.96
CA ARG C 6 -8.32 -28.38 12.02
C ARG C 6 -7.73 -27.22 12.83
N PHE C 7 -7.27 -26.16 12.16
CA PHE C 7 -6.72 -24.98 12.84
C PHE C 7 -7.78 -24.27 13.68
N ALA C 8 -8.98 -24.14 13.14
CA ALA C 8 -10.07 -23.55 13.90
C ALA C 8 -10.41 -24.39 15.13
N GLU C 9 -10.35 -25.71 15.01
CA GLU C 9 -10.62 -26.57 16.15
C GLU C 9 -9.57 -26.36 17.23
N LEU C 10 -8.30 -26.17 16.85
CA LEU C 10 -7.27 -25.90 17.84
C LEU C 10 -7.50 -24.56 18.54
N GLU C 11 -7.91 -23.53 17.78
CA GLU C 11 -8.27 -22.25 18.36
C GLU C 11 -9.35 -22.41 19.41
N ARG C 12 -10.39 -23.17 19.08
CA ARG C 12 -11.51 -23.42 20.02
C ARG C 12 -10.99 -24.15 21.27
N ARG C 13 -10.28 -25.25 21.05
CA ARG C 13 -9.74 -26.09 22.13
C ARG C 13 -8.87 -25.31 23.10
N TYR C 14 -7.99 -24.44 22.60
CA TYR C 14 -7.07 -23.71 23.49
C TYR C 14 -7.53 -22.29 23.82
N ASP C 15 -8.75 -21.95 23.44
CA ASP C 15 -9.23 -20.58 23.65
C ASP C 15 -8.19 -19.53 23.17
N ALA C 16 -7.73 -19.71 21.93
CA ALA C 16 -6.63 -18.95 21.35
C ALA C 16 -6.93 -18.47 19.91
N ARG C 17 -6.13 -17.53 19.45
CA ARG C 17 -6.05 -17.14 18.08
C ARG C 17 -4.76 -17.70 17.54
N LEU C 18 -4.84 -18.43 16.43
CA LEU C 18 -3.68 -19.08 15.82
C LEU C 18 -3.36 -18.47 14.46
N GLY C 19 -2.07 -18.25 14.19
CA GLY C 19 -1.60 -17.78 12.87
C GLY C 19 -0.56 -18.71 12.33
N VAL C 20 -0.72 -19.13 11.07
CA VAL C 20 0.21 -20.07 10.42
C VAL C 20 0.54 -19.66 9.00
N TYR C 21 1.82 -19.71 8.64
CA TYR C 21 2.24 -19.59 7.24
C TYR C 21 3.41 -20.49 6.91
N VAL C 22 3.27 -21.25 5.83
CA VAL C 22 4.39 -22.04 5.23
C VAL C 22 4.47 -21.63 3.75
N PRO C 23 5.55 -20.99 3.30
CA PRO C 23 5.69 -20.66 1.87
C PRO C 23 5.59 -21.86 0.96
N ALA C 24 5.06 -21.64 -0.23
CA ALA C 24 5.10 -22.67 -1.28
C ALA C 24 6.52 -23.07 -1.62
N THR C 25 6.62 -24.29 -2.12
CA THR C 25 7.91 -24.84 -2.63
C THR C 25 7.60 -25.46 -3.97
N GLY C 26 8.62 -26.01 -4.63
CA GLY C 26 8.44 -26.73 -5.90
C GLY C 26 7.34 -27.77 -5.91
N THR C 27 7.33 -28.64 -4.89
CA THR C 27 6.35 -29.73 -4.77
C THR C 27 5.13 -29.45 -3.89
N THR C 28 5.12 -28.38 -3.08
CA THR C 28 4.03 -28.16 -2.09
C THR C 28 3.35 -26.82 -2.23
N ALA C 29 2.05 -26.82 -2.07
CA ALA C 29 1.30 -25.56 -1.89
C ALA C 29 1.64 -24.84 -0.58
N ALA C 30 1.44 -23.53 -0.60
CA ALA C 30 1.53 -22.72 0.58
C ALA C 30 0.42 -23.14 1.57
N ILE C 31 0.69 -22.94 2.85
CA ILE C 31 -0.30 -23.11 3.89
C ILE C 31 -0.48 -21.74 4.51
N GLU C 32 -1.73 -21.32 4.74
CA GLU C 32 -1.99 -20.01 5.34
C GLU C 32 -3.26 -19.99 6.16
N TYR C 33 -3.16 -19.55 7.41
CA TYR C 33 -4.32 -19.40 8.29
C TYR C 33 -4.09 -18.15 9.13
N ARG C 34 -4.95 -17.14 8.99
CA ARG C 34 -4.74 -15.80 9.58
C ARG C 34 -3.34 -15.26 9.32
N ALA C 35 -2.83 -15.56 8.14
CA ALA C 35 -1.43 -15.33 7.84
C ALA C 35 -1.09 -13.87 7.71
N ASP C 36 -2.06 -13.04 7.40
CA ASP C 36 -1.87 -11.57 7.32
C ASP C 36 -2.35 -10.78 8.52
N GLU C 37 -2.88 -11.46 9.55
CA GLU C 37 -3.19 -10.85 10.84
C GLU C 37 -1.92 -10.59 11.66
N ARG C 38 -1.91 -9.47 12.38
CA ARG C 38 -0.77 -9.09 13.25
C ARG C 38 -0.73 -9.88 14.55
N PHE C 39 0.45 -10.39 14.87
CA PHE C 39 0.78 -11.01 16.18
C PHE C 39 2.05 -10.39 16.69
N ALA C 40 2.18 -10.32 18.00
CA ALA C 40 3.39 -9.79 18.60
C ALA C 40 4.58 -10.70 18.28
N PHE C 41 5.69 -10.08 17.91
CA PHE C 41 6.96 -10.75 17.71
C PHE C 41 7.32 -11.62 18.92
N CYS C 42 7.38 -10.96 20.08
CA CYS C 42 8.11 -11.46 21.26
C CYS C 42 9.51 -11.79 20.76
N ALA C 43 10.19 -12.83 21.28
CA ALA C 43 11.61 -13.04 20.93
C ALA C 43 11.85 -13.58 19.56
N THR C 44 10.83 -13.89 18.75
CA THR C 44 11.12 -14.31 17.38
C THR C 44 11.88 -13.23 16.60
N PHE C 45 11.78 -11.97 17.03
CA PHE C 45 12.54 -10.90 16.41
C PHE C 45 14.03 -11.08 16.52
N LYS C 46 14.49 -11.86 17.50
CA LYS C 46 15.94 -12.00 17.77
C LYS C 46 16.71 -12.65 16.64
N ALA C 47 16.08 -13.57 15.90
CA ALA C 47 16.67 -14.10 14.67
C ALA C 47 17.00 -13.00 13.62
N PRO C 48 15.98 -12.27 13.10
CA PRO C 48 16.39 -11.21 12.19
C PRO C 48 17.25 -10.12 12.82
N LEU C 49 17.19 -9.94 14.16
CA LEU C 49 18.07 -8.98 14.84
C LEU C 49 19.51 -9.38 14.65
N VAL C 50 19.79 -10.66 14.88
CA VAL C 50 21.14 -11.19 14.70
C VAL C 50 21.56 -11.07 13.23
N ALA C 51 20.66 -11.34 12.30
CA ALA C 51 20.93 -11.16 10.88
C ALA C 51 21.33 -9.71 10.57
N ALA C 52 20.60 -8.75 11.13
CA ALA C 52 20.96 -7.34 10.93
C ALA C 52 22.37 -7.01 11.44
N VAL C 53 22.70 -7.50 12.63
CA VAL C 53 24.02 -7.27 13.22
C VAL C 53 25.10 -7.91 12.37
N LEU C 54 24.91 -9.17 11.97
CA LEU C 54 25.78 -9.85 11.02
C LEU C 54 25.95 -9.05 9.72
N HIS C 55 24.86 -8.64 9.10
CA HIS C 55 24.89 -7.95 7.83
C HIS C 55 25.66 -6.62 7.86
N GLN C 56 25.50 -5.85 8.93
CA GLN C 56 25.97 -4.46 9.00
C GLN C 56 27.44 -4.26 9.31
N ASN C 57 28.14 -5.33 9.66
CA ASN C 57 29.54 -5.24 10.09
C ASN C 57 30.32 -6.42 9.49
N PRO C 58 31.65 -6.26 9.36
CA PRO C 58 32.46 -7.41 8.96
C PRO C 58 32.49 -8.48 10.04
N LEU C 59 32.85 -9.72 9.68
CA LEU C 59 33.02 -10.82 10.64
C LEU C 59 33.89 -10.48 11.85
N THR C 60 34.89 -9.63 11.66
CA THR C 60 35.80 -9.28 12.76
C THR C 60 35.10 -8.51 13.87
N HIS C 61 33.99 -7.84 13.57
CA HIS C 61 33.16 -7.11 14.57
C HIS C 61 32.60 -8.08 15.61
N LEU C 62 32.46 -9.36 15.26
CA LEU C 62 32.02 -10.36 16.23
C LEU C 62 32.93 -10.52 17.44
N ASP C 63 34.18 -10.08 17.38
CA ASP C 63 35.08 -10.14 18.55
C ASP C 63 35.19 -8.83 19.28
N LYS C 64 34.42 -7.82 18.90
CA LYS C 64 34.39 -6.58 19.66
C LYS C 64 33.78 -6.85 21.04
N LEU C 65 34.46 -6.38 22.08
CA LEU C 65 34.01 -6.54 23.47
C LEU C 65 32.99 -5.48 23.82
N GLY C 87 32.05 -8.34 30.53
CA GLY C 87 31.89 -8.04 29.11
C GLY C 87 31.77 -9.31 28.28
N MET C 88 31.14 -9.19 27.11
CA MET C 88 30.96 -10.28 26.17
C MET C 88 31.15 -9.71 24.78
N THR C 89 31.54 -10.57 23.86
CA THR C 89 31.75 -10.17 22.46
C THR C 89 30.40 -10.13 21.74
N ILE C 90 30.31 -9.34 20.66
CA ILE C 90 29.11 -9.33 19.82
C ILE C 90 28.70 -10.76 19.40
N GLY C 91 29.68 -11.58 19.06
CA GLY C 91 29.41 -12.96 18.69
C GLY C 91 28.74 -13.76 19.79
N GLN C 92 29.20 -13.57 21.02
CA GLN C 92 28.60 -14.25 22.18
C GLN C 92 27.22 -13.71 22.51
N LEU C 93 27.01 -12.41 22.29
CA LEU C 93 25.68 -11.80 22.44
C LEU C 93 24.68 -12.36 21.42
N CYS C 94 25.10 -12.54 20.16
CA CYS C 94 24.27 -13.22 19.17
C CYS C 94 23.90 -14.64 19.61
N ASP C 95 24.90 -15.37 20.12
CA ASP C 95 24.70 -16.73 20.59
C ASP C 95 23.65 -16.72 21.73
N ALA C 96 23.83 -15.80 22.67
CA ALA C 96 22.94 -15.70 23.84
C ALA C 96 21.54 -15.25 23.45
N ALA C 97 21.44 -14.25 22.61
CA ALA C 97 20.16 -13.75 22.13
C ALA C 97 19.31 -14.84 21.49
N ILE C 98 19.93 -15.71 20.72
CA ILE C 98 19.16 -16.77 20.07
C ILE C 98 18.91 -17.96 20.99
N ARG C 99 19.96 -18.32 21.70
CA ARG C 99 19.98 -19.51 22.50
C ARG C 99 19.56 -19.51 23.96
N TYR C 100 19.87 -18.47 24.71
CA TYR C 100 19.50 -18.52 26.14
C TYR C 100 19.38 -17.23 26.92
N SER C 101 19.33 -16.08 26.29
CA SER C 101 19.27 -14.87 27.09
C SER C 101 17.91 -14.41 27.57
N ASP C 102 17.94 -13.59 28.60
CA ASP C 102 16.75 -13.00 29.20
C ASP C 102 16.38 -11.72 28.43
N GLY C 103 17.09 -11.38 27.36
CA GLY C 103 16.79 -10.13 26.68
C GLY C 103 17.75 -8.99 26.89
N THR C 104 18.67 -9.07 27.84
CA THR C 104 19.77 -8.10 27.89
C THR C 104 20.66 -8.16 26.65
N ALA C 105 20.92 -9.39 26.18
CA ALA C 105 21.73 -9.57 24.98
C ALA C 105 21.08 -8.87 23.80
N ALA C 106 19.77 -9.07 23.65
CA ALA C 106 18.99 -8.44 22.60
C ALA C 106 19.05 -6.91 22.68
N ASN C 107 18.91 -6.34 23.87
CA ASN C 107 18.99 -4.89 24.01
C ASN C 107 20.34 -4.35 23.65
N LEU C 108 21.40 -5.06 24.00
CA LEU C 108 22.76 -4.64 23.59
C LEU C 108 22.97 -4.71 22.08
N LEU C 109 22.48 -5.80 21.48
CA LEU C 109 22.49 -5.93 20.02
C LEU C 109 21.70 -4.84 19.30
N LEU C 110 20.55 -4.47 19.85
CA LEU C 110 19.78 -3.34 19.31
C LEU C 110 20.59 -2.05 19.37
N ALA C 111 21.23 -1.78 20.51
CA ALA C 111 22.08 -0.58 20.62
C ALA C 111 23.26 -0.61 19.62
N ASP C 112 23.75 -1.80 19.31
CA ASP C 112 24.81 -1.91 18.32
C ASP C 112 24.39 -1.50 16.92
N LEU C 113 23.13 -1.67 16.57
CA LEU C 113 22.60 -1.16 15.31
C LEU C 113 22.60 0.39 15.26
N GLY C 114 22.44 1.05 16.40
CA GLY C 114 22.44 2.50 16.46
C GLY C 114 21.13 3.16 16.09
N GLY C 115 21.15 4.49 16.12
CA GLY C 115 19.99 5.31 15.76
C GLY C 115 18.95 5.40 16.88
N PRO C 116 17.84 6.14 16.63
CA PRO C 116 16.81 6.33 17.64
C PRO C 116 16.05 5.07 18.06
N GLY C 117 15.37 5.18 19.21
CA GLY C 117 14.61 4.08 19.82
C GLY C 117 15.48 2.96 20.34
N GLY C 118 16.72 3.29 20.71
CA GLY C 118 17.72 2.30 21.12
C GLY C 118 18.02 1.23 20.08
N GLY C 119 17.86 1.55 18.79
CA GLY C 119 18.05 0.57 17.69
C GLY C 119 16.79 -0.01 17.04
N THR C 120 15.62 0.24 17.61
CA THR C 120 14.39 -0.31 17.06
C THR C 120 14.04 0.23 15.67
N ALA C 121 14.30 1.51 15.43
CA ALA C 121 14.11 2.08 14.09
C ALA C 121 15.07 1.48 13.08
N ALA C 122 16.34 1.33 13.45
CA ALA C 122 17.28 0.66 12.57
C ALA C 122 16.86 -0.79 12.27
N PHE C 123 16.40 -1.51 13.28
CA PHE C 123 15.92 -2.88 13.08
C PHE C 123 14.72 -2.90 12.12
N THR C 124 13.79 -1.97 12.29
CA THR C 124 12.63 -1.89 11.41
C THR C 124 13.10 -1.58 9.99
N GLY C 125 14.05 -0.66 9.88
CA GLY C 125 14.73 -0.34 8.62
C GLY C 125 15.33 -1.54 7.94
N TYR C 126 16.00 -2.40 8.70
CA TYR C 126 16.60 -3.60 8.15
C TYR C 126 15.52 -4.49 7.55
N LEU C 127 14.40 -4.66 8.24
CA LEU C 127 13.32 -5.49 7.70
C LEU C 127 12.71 -4.90 6.42
N ARG C 128 12.60 -3.57 6.36
CA ARG C 128 12.19 -2.89 5.13
C ARG C 128 13.13 -3.17 3.98
N SER C 129 14.43 -3.13 4.27
CA SER C 129 15.44 -3.39 3.26
C SER C 129 15.34 -4.81 2.74
N LEU C 130 14.71 -5.72 3.49
CA LEU C 130 14.47 -7.10 3.02
C LEU C 130 13.12 -7.28 2.35
N GLY C 131 12.37 -6.20 2.13
CA GLY C 131 11.05 -6.30 1.53
C GLY C 131 9.89 -6.62 2.46
N ASP C 132 10.13 -6.60 3.78
CA ASP C 132 9.06 -6.74 4.78
C ASP C 132 8.53 -5.34 5.10
N THR C 133 7.31 -5.08 4.65
CA THR C 133 6.67 -3.79 4.79
C THR C 133 5.67 -3.74 5.93
N VAL C 134 5.38 -4.89 6.54
CA VAL C 134 4.35 -5.02 7.57
C VAL C 134 4.99 -4.85 8.95
N SER C 135 6.00 -5.65 9.24
CA SER C 135 6.56 -5.76 10.60
C SER C 135 7.10 -4.47 11.16
N ARG C 136 7.07 -4.36 12.47
CA ARG C 136 7.72 -3.22 13.14
C ARG C 136 8.09 -3.54 14.56
N LEU C 137 9.16 -2.89 15.01
CA LEU C 137 9.58 -2.95 16.37
C LEU C 137 9.66 -1.52 16.90
N ASP C 138 9.17 -1.34 18.11
CA ASP C 138 9.03 -0.04 18.75
C ASP C 138 9.64 0.05 20.15
N ALA C 139 9.61 -1.04 20.90
CA ALA C 139 10.11 -1.07 22.26
C ALA C 139 11.28 -2.02 22.37
N GLU C 140 12.03 -1.88 23.45
CA GLU C 140 13.06 -2.83 23.85
C GLU C 140 12.50 -3.94 24.76
N GLU C 141 13.39 -4.82 25.18
CA GLU C 141 13.06 -5.85 26.17
C GLU C 141 13.00 -5.18 27.57
N PRO C 142 12.07 -5.55 28.44
CA PRO C 142 11.04 -6.58 28.25
C PRO C 142 9.72 -6.03 27.70
N GLU C 143 9.62 -4.72 27.46
CA GLU C 143 8.34 -4.13 27.09
C GLU C 143 7.71 -4.72 25.82
N LEU C 144 8.55 -5.08 24.85
CA LEU C 144 8.05 -5.55 23.57
C LEU C 144 7.22 -6.85 23.63
N ASN C 145 7.27 -7.54 24.75
CA ASN C 145 6.41 -8.72 24.99
C ASN C 145 4.99 -8.41 25.54
N ARG C 146 4.70 -7.12 25.86
CA ARG C 146 3.57 -6.76 26.73
C ARG C 146 2.56 -5.79 26.14
N ASP C 147 2.62 -5.53 24.84
CA ASP C 147 1.70 -4.58 24.26
C ASP C 147 0.30 -5.13 24.28
N PRO C 148 -0.69 -4.25 24.43
CA PRO C 148 -2.07 -4.72 24.37
C PRO C 148 -2.45 -5.36 23.04
N PRO C 149 -3.41 -6.29 23.04
CA PRO C 149 -3.97 -6.82 21.78
C PRO C 149 -4.55 -5.67 20.95
N GLY C 150 -4.41 -5.77 19.63
CA GLY C 150 -4.85 -4.68 18.72
C GLY C 150 -3.85 -3.59 18.44
N ASP C 151 -2.92 -3.36 19.36
CA ASP C 151 -1.82 -2.41 19.15
C ASP C 151 -0.86 -3.05 18.12
N GLU C 152 -0.48 -2.27 17.12
CA GLU C 152 0.39 -2.72 16.02
C GLU C 152 1.88 -2.60 16.35
N ARG C 153 2.23 -1.87 17.41
CA ARG C 153 3.59 -1.84 17.90
C ARG C 153 4.13 -3.24 18.18
N ASP C 154 5.39 -3.47 17.79
CA ASP C 154 6.07 -4.73 18.04
C ASP C 154 5.36 -5.94 17.45
N THR C 155 4.73 -5.76 16.30
CA THR C 155 4.02 -6.85 15.64
C THR C 155 4.67 -7.22 14.30
N THR C 156 4.36 -8.46 13.89
CA THR C 156 4.62 -8.92 12.55
C THR C 156 3.41 -9.75 12.11
N THR C 157 3.50 -10.42 10.96
CA THR C 157 2.49 -11.44 10.61
C THR C 157 3.20 -12.74 10.30
N PRO C 158 2.48 -13.86 10.36
CA PRO C 158 3.06 -15.13 9.96
C PRO C 158 3.65 -15.09 8.55
N HIS C 159 2.92 -14.47 7.62
CA HIS C 159 3.36 -14.31 6.22
C HIS C 159 4.69 -13.56 6.16
N ALA C 160 4.73 -12.39 6.77
CA ALA C 160 5.91 -11.58 6.69
C ALA C 160 7.14 -12.24 7.34
N ILE C 161 6.99 -12.77 8.54
CA ILE C 161 8.13 -13.31 9.28
C ILE C 161 8.65 -14.57 8.61
N ALA C 162 7.76 -15.37 8.01
CA ALA C 162 8.18 -16.56 7.25
C ALA C 162 9.07 -16.19 6.06
N LEU C 163 8.64 -15.20 5.28
CA LEU C 163 9.43 -14.72 4.15
C LEU C 163 10.78 -14.11 4.56
N VAL C 164 10.81 -13.38 5.67
CA VAL C 164 12.07 -12.89 6.21
C VAL C 164 12.95 -14.11 6.59
N LEU C 165 12.43 -15.07 7.34
CA LEU C 165 13.27 -16.19 7.77
C LEU C 165 13.80 -17.00 6.58
N GLN C 166 12.96 -17.24 5.57
CA GLN C 166 13.37 -17.90 4.33
C GLN C 166 14.51 -17.15 3.66
N GLN C 167 14.42 -15.83 3.58
CA GLN C 167 15.51 -15.06 2.95
C GLN C 167 16.81 -15.24 3.71
N LEU C 168 16.74 -15.29 5.04
CA LEU C 168 17.93 -15.29 5.88
C LEU C 168 18.64 -16.64 5.91
N VAL C 169 17.89 -17.72 5.89
CA VAL C 169 18.41 -19.09 6.05
C VAL C 169 18.51 -19.88 4.73
N LEU C 170 17.50 -19.75 3.85
CA LEU C 170 17.48 -20.42 2.55
C LEU C 170 17.87 -19.55 1.33
N GLY C 171 17.66 -18.25 1.38
CA GLY C 171 18.05 -17.34 0.30
C GLY C 171 19.40 -16.71 0.56
N ASN C 172 19.56 -15.51 0.01
CA ASN C 172 20.85 -14.88 -0.20
C ASN C 172 20.97 -13.56 0.53
N ALA C 173 20.15 -13.36 1.57
CA ALA C 173 20.17 -12.14 2.37
C ALA C 173 21.48 -11.95 3.11
N LEU C 174 22.06 -13.06 3.54
CA LEU C 174 23.39 -13.08 4.10
C LEU C 174 24.34 -13.96 3.23
N PRO C 175 25.61 -13.55 3.10
CA PRO C 175 26.59 -14.43 2.43
C PRO C 175 26.88 -15.69 3.25
N PRO C 176 27.39 -16.76 2.59
CA PRO C 176 27.33 -18.11 3.22
C PRO C 176 27.99 -18.28 4.59
N ASP C 177 29.02 -17.49 4.89
CA ASP C 177 29.72 -17.59 6.19
C ASP C 177 28.89 -16.99 7.37
N LYS C 178 28.27 -15.83 7.16
CA LYS C 178 27.34 -15.27 8.11
C LYS C 178 26.07 -16.14 8.24
N ARG C 179 25.53 -16.55 7.11
CA ARG C 179 24.37 -17.45 7.08
C ARG C 179 24.55 -18.68 7.95
N ALA C 180 25.75 -19.28 7.89
CA ALA C 180 25.99 -20.55 8.60
C ALA C 180 26.01 -20.33 10.13
N LEU C 181 26.53 -19.17 10.55
CA LEU C 181 26.47 -18.77 11.93
C LEU C 181 25.02 -18.67 12.42
N LEU C 182 24.21 -17.84 11.77
CA LEU C 182 22.80 -17.72 12.14
C LEU C 182 22.13 -19.08 12.19
N THR C 183 22.33 -19.86 11.15
CA THR C 183 21.71 -21.18 11.05
C THR C 183 22.14 -22.13 12.21
N ASP C 184 23.44 -22.11 12.56
CA ASP C 184 23.98 -22.95 13.65
C ASP C 184 23.42 -22.54 15.05
N TRP C 185 23.43 -21.24 15.34
CA TRP C 185 22.82 -20.74 16.57
C TRP C 185 21.34 -21.19 16.72
N MET C 186 20.57 -21.07 15.65
CA MET C 186 19.19 -21.51 15.70
C MET C 186 19.09 -23.03 15.75
N ALA C 187 20.14 -23.72 15.30
CA ALA C 187 20.08 -25.18 15.17
C ALA C 187 19.65 -26.18 16.20
N ARG C 188 20.32 -26.32 17.35
CA ARG C 188 19.93 -27.36 18.32
C ARG C 188 19.28 -26.76 19.57
N ASN C 189 18.70 -25.56 19.46
CA ASN C 189 18.26 -24.86 20.69
C ASN C 189 17.02 -25.55 21.27
N THR C 190 17.01 -25.76 22.58
CA THR C 190 16.00 -26.64 23.20
C THR C 190 14.85 -25.87 23.81
N THR C 191 14.98 -24.55 24.01
CA THR C 191 13.75 -23.77 24.42
C THR C 191 12.55 -24.11 23.55
N GLY C 192 12.80 -24.62 22.32
CA GLY C 192 11.76 -24.92 21.36
C GLY C 192 11.29 -26.34 21.17
N ALA C 193 11.75 -27.26 22.00
CA ALA C 193 11.43 -28.70 21.94
C ALA C 193 9.95 -29.03 21.93
N LYS C 194 9.13 -28.20 22.57
CA LYS C 194 7.71 -28.52 22.74
C LYS C 194 6.81 -27.82 21.73
N ARG C 195 7.40 -27.15 20.74
CA ARG C 195 6.67 -26.36 19.75
C ARG C 195 6.81 -26.96 18.34
N ILE C 196 7.42 -26.28 17.36
CA ILE C 196 7.41 -26.83 16.00
C ILE C 196 8.13 -28.18 15.96
N ARG C 197 9.30 -28.24 16.59
CA ARG C 197 10.03 -29.48 16.83
C ARG C 197 9.14 -30.65 17.25
N ALA C 198 8.28 -30.47 18.23
CA ALA C 198 7.42 -31.56 18.72
C ALA C 198 6.43 -32.09 17.71
N GLY C 199 6.13 -31.34 16.65
CA GLY C 199 5.16 -31.78 15.66
C GLY C 199 5.74 -32.40 14.40
N PHE C 200 7.03 -32.24 14.19
CA PHE C 200 7.74 -32.89 13.12
C PHE C 200 8.42 -34.18 13.62
N PRO C 201 8.31 -35.29 12.87
CA PRO C 201 9.05 -36.52 13.17
C PRO C 201 10.55 -36.30 13.40
N ALA C 202 11.18 -37.14 14.22
CA ALA C 202 12.56 -36.89 14.71
C ALA C 202 13.65 -36.93 13.64
N ASP C 203 13.40 -37.62 12.54
CA ASP C 203 14.38 -37.68 11.41
C ASP C 203 14.44 -36.39 10.57
N TRP C 204 13.46 -35.49 10.74
CA TRP C 204 13.53 -34.16 10.12
C TRP C 204 14.36 -33.23 11.01
N LYS C 205 15.25 -32.46 10.39
CA LYS C 205 16.03 -31.45 11.09
C LYS C 205 15.06 -30.24 11.31
N VAL C 206 15.23 -29.57 12.44
CA VAL C 206 14.50 -28.36 12.80
C VAL C 206 15.45 -27.37 13.43
N ILE C 207 15.57 -26.17 12.88
CA ILE C 207 16.17 -25.00 13.57
C ILE C 207 15.02 -24.00 13.84
N ASP C 208 15.09 -23.24 14.93
CA ASP C 208 13.95 -22.39 15.30
C ASP C 208 14.33 -21.29 16.24
N LYS C 209 13.42 -20.33 16.36
CA LYS C 209 13.46 -19.32 17.42
C LYS C 209 12.07 -19.11 17.98
N THR C 210 11.93 -19.23 19.29
CA THR C 210 10.66 -19.11 19.98
C THR C 210 10.38 -17.68 20.42
N GLY C 211 9.13 -17.46 20.75
CA GLY C 211 8.74 -16.23 21.46
C GLY C 211 7.61 -16.52 22.41
N THR C 212 7.61 -15.82 23.54
CA THR C 212 6.60 -16.05 24.59
C THR C 212 6.31 -14.74 25.26
N GLY C 213 5.08 -14.51 25.64
CA GLY C 213 4.77 -13.25 26.32
C GLY C 213 3.44 -13.18 27.01
N ASP C 214 3.06 -11.99 27.45
CA ASP C 214 1.78 -11.74 28.06
C ASP C 214 0.63 -11.95 27.08
N TYR C 215 -0.61 -11.85 27.56
CA TYR C 215 -1.78 -12.18 26.77
C TYR C 215 -1.70 -13.55 26.11
N GLY C 216 -1.05 -14.48 26.79
CA GLY C 216 -1.04 -15.86 26.32
C GLY C 216 -0.30 -16.09 25.02
N ARG C 217 0.71 -15.25 24.79
CA ARG C 217 1.50 -15.29 23.57
C ARG C 217 2.51 -16.41 23.56
N ALA C 218 2.48 -17.18 22.48
CA ALA C 218 3.49 -18.19 22.21
C ALA C 218 3.65 -18.34 20.70
N ASN C 219 4.88 -18.10 20.25
CA ASN C 219 5.31 -18.24 18.87
C ASN C 219 6.47 -19.19 18.69
N ASP C 220 6.60 -19.67 17.45
CA ASP C 220 7.80 -20.35 17.01
C ASP C 220 7.95 -20.10 15.50
N ILE C 221 9.14 -19.71 15.07
CA ILE C 221 9.47 -19.63 13.63
C ILE C 221 10.63 -20.59 13.36
N ALA C 222 10.46 -21.42 12.32
CA ALA C 222 11.44 -22.46 12.04
C ALA C 222 11.71 -22.68 10.57
N VAL C 223 12.90 -23.19 10.29
CA VAL C 223 13.17 -23.87 9.04
C VAL C 223 13.32 -25.34 9.38
N VAL C 224 12.61 -26.18 8.62
CA VAL C 224 12.69 -27.63 8.77
C VAL C 224 13.25 -28.28 7.48
N TRP C 225 13.98 -29.38 7.61
CA TRP C 225 14.44 -30.20 6.46
C TRP C 225 13.94 -31.63 6.56
N SER C 226 13.46 -32.19 5.44
CA SER C 226 13.02 -33.61 5.35
C SER C 226 14.21 -34.56 5.57
N PRO C 227 13.94 -35.87 5.78
CA PRO C 227 15.11 -36.75 6.00
C PRO C 227 16.06 -36.75 4.77
N THR C 228 15.47 -36.57 3.57
CA THR C 228 16.20 -36.43 2.31
C THR C 228 16.59 -34.97 1.98
N GLY C 229 16.76 -34.09 2.98
CA GLY C 229 17.27 -32.71 2.77
C GLY C 229 16.42 -31.61 2.10
N VAL C 230 15.11 -31.83 1.93
CA VAL C 230 14.21 -30.81 1.32
C VAL C 230 13.67 -29.79 2.35
N PRO C 231 13.90 -28.46 2.16
CA PRO C 231 13.59 -27.48 3.20
C PRO C 231 12.15 -26.86 3.14
N TYR C 232 11.62 -26.52 4.31
CA TYR C 232 10.35 -25.78 4.44
C TYR C 232 10.47 -24.73 5.53
N VAL C 233 9.78 -23.61 5.34
CA VAL C 233 9.73 -22.57 6.37
C VAL C 233 8.38 -22.60 7.07
N VAL C 234 8.40 -22.61 8.41
CA VAL C 234 7.16 -22.70 9.22
C VAL C 234 7.13 -21.59 10.27
N ALA C 235 6.09 -20.77 10.20
CA ALA C 235 5.85 -19.72 11.18
C ALA C 235 4.51 -20.01 11.81
N VAL C 236 4.52 -20.17 13.14
CA VAL C 236 3.31 -20.41 13.91
C VAL C 236 3.27 -19.37 15.04
N MET C 237 2.16 -18.63 15.11
CA MET C 237 2.02 -17.58 16.12
C MET C 237 0.71 -17.75 16.84
N SER C 238 0.68 -17.37 18.11
CA SER C 238 -0.58 -17.52 18.89
C SER C 238 -0.67 -16.59 20.05
N ASP C 239 -1.91 -16.32 20.44
CA ASP C 239 -2.19 -15.59 21.65
C ASP C 239 -3.53 -16.00 22.26
N ARG C 240 -3.75 -15.61 23.52
CA ARG C 240 -4.98 -15.91 24.25
C ARG C 240 -5.46 -14.65 24.94
N ALA C 241 -5.59 -13.62 24.11
CA ALA C 241 -5.76 -12.27 24.59
C ALA C 241 -7.10 -12.08 25.33
N GLY C 242 -8.10 -12.93 25.03
CA GLY C 242 -9.36 -12.88 25.70
C GLY C 242 -9.30 -13.25 27.18
N GLY C 243 -8.23 -13.94 27.58
CA GLY C 243 -7.96 -14.18 28.97
C GLY C 243 -7.22 -13.05 29.69
N GLY C 244 -7.03 -11.90 29.04
CA GLY C 244 -6.35 -10.75 29.67
C GLY C 244 -4.82 -10.79 29.69
N TYR C 245 -4.28 -9.74 30.27
CA TYR C 245 -2.83 -9.53 30.39
C TYR C 245 -2.07 -10.72 30.92
N ASP C 246 -2.65 -11.41 31.91
CA ASP C 246 -2.06 -12.59 32.56
C ASP C 246 -2.44 -13.97 31.99
N ALA C 247 -2.99 -14.00 30.79
CA ALA C 247 -3.35 -15.28 30.17
C ALA C 247 -2.09 -16.17 30.02
N GLU C 248 -2.17 -17.43 30.35
CA GLU C 248 -0.99 -18.28 30.23
C GLU C 248 -0.75 -18.63 28.75
N PRO C 249 0.49 -18.72 28.33
CA PRO C 249 0.78 -19.32 26.99
C PRO C 249 0.42 -20.80 26.92
N ARG C 250 0.08 -21.32 25.74
CA ARG C 250 -0.14 -22.73 25.53
C ARG C 250 0.78 -23.33 24.44
N GLU C 251 1.99 -23.73 24.84
CA GLU C 251 2.93 -24.42 23.95
C GLU C 251 2.31 -25.56 23.11
N ALA C 252 1.45 -26.37 23.72
CA ALA C 252 0.86 -27.53 23.01
C ALA C 252 0.10 -27.16 21.71
N LEU C 253 -0.49 -25.95 21.70
CA LEU C 253 -1.20 -25.44 20.54
C LEU C 253 -0.27 -25.41 19.30
N LEU C 254 0.93 -24.91 19.52
CA LEU C 254 1.94 -24.84 18.50
C LEU C 254 2.42 -26.21 18.08
N ALA C 255 2.62 -27.13 19.04
CA ALA C 255 3.02 -28.50 18.65
C ALA C 255 1.93 -29.18 17.83
N GLU C 256 0.68 -28.98 18.22
CA GLU C 256 -0.42 -29.59 17.50
C GLU C 256 -0.64 -28.99 16.13
N ALA C 257 -0.50 -27.67 16.03
CA ALA C 257 -0.58 -27.00 14.73
C ALA C 257 0.55 -27.48 13.82
N ALA C 258 1.76 -27.53 14.36
CA ALA C 258 2.90 -28.06 13.62
C ALA C 258 2.66 -29.51 13.15
N THR C 259 2.00 -30.35 13.95
CA THR C 259 1.73 -31.75 13.56
C THR C 259 0.82 -31.78 12.33
N CYS C 260 -0.19 -30.92 12.31
CA CYS C 260 -1.03 -30.78 11.12
C CYS C 260 -0.23 -30.38 9.87
N VAL C 261 0.64 -29.37 10.03
CA VAL C 261 1.51 -28.92 8.95
C VAL C 261 2.35 -30.09 8.45
N ALA C 262 3.03 -30.81 9.36
CA ALA C 262 3.90 -31.93 8.96
C ALA C 262 3.17 -33.04 8.20
N GLY C 263 1.98 -33.41 8.65
CA GLY C 263 1.14 -34.38 7.95
C GLY C 263 0.80 -33.99 6.51
N VAL C 264 0.47 -32.72 6.30
CA VAL C 264 0.17 -32.19 4.98
C VAL C 264 1.44 -32.15 4.10
N LEU C 265 2.57 -31.70 4.63
CA LEU C 265 3.81 -31.67 3.85
C LEU C 265 4.36 -33.04 3.45
N ALA C 266 4.19 -34.07 4.27
CA ALA C 266 4.56 -35.46 3.87
C ALA C 266 3.68 -36.01 2.75
N LEU C 267 2.36 -35.80 2.82
CA LEU C 267 1.38 -36.35 1.87
C LEU C 267 1.22 -35.57 0.52
N GLU C 268 1.77 -34.37 0.40
CA GLU C 268 1.92 -33.65 -0.90
C GLU C 268 3.14 -34.07 -1.77
N HIS C 269 4.36 -33.87 -1.26
CA HIS C 269 5.63 -34.22 -1.96
C HIS C 269 5.85 -35.67 -2.56
CA GLY D 1 11.73 -19.48 -4.84
C GLY D 1 10.92 -20.75 -4.82
N GLY D 2 9.67 -20.65 -5.21
CA GLY D 2 8.81 -21.80 -5.19
C GLY D 2 7.36 -21.46 -5.42
N GLY D 3 6.64 -22.47 -5.80
CA GLY D 3 5.22 -22.42 -6.05
C GLY D 3 4.72 -23.83 -5.90
N GLY D 4 3.59 -24.07 -6.52
CA GLY D 4 2.96 -25.37 -6.46
C GLY D 4 1.75 -25.06 -7.29
N GLY D 5 0.61 -24.99 -6.65
CA GLY D 5 -0.62 -24.67 -7.33
C GLY D 5 -1.55 -25.85 -7.43
N GLY D 6 -1.26 -26.92 -6.70
CA GLY D 6 -2.06 -28.12 -6.73
C GLY D 6 -2.15 -28.75 -8.11
#